data_7PXX
#
_entry.id   7PXX
#
_cell.length_a   94.900
_cell.length_b   103.750
_cell.length_c   136.790
_cell.angle_alpha   90.000
_cell.angle_beta   90.000
_cell.angle_gamma   90.000
#
_symmetry.space_group_name_H-M   'P 21 21 21'
#
loop_
_entity.id
_entity.type
_entity.pdbx_description
1 polymer 'Pteridine reductase 1'
2 polymer 'Pteridine reductase 1'
3 non-polymer 'FOLIC ACID'
4 non-polymer 'NADPH DIHYDRO-NICOTINAMIDE-ADENINE-DINUCLEOTIDE PHOSPHATE'
5 non-polymer 'TRIETHYLENE GLYCOL'
6 non-polymer GLYCEROL
7 non-polymer DI(HYDROXYETHYL)ETHER
8 water water
#
loop_
_entity_poly.entity_id
_entity_poly.type
_entity_poly.pdbx_seq_one_letter_code
_entity_poly.pdbx_strand_id
1 'polypeptide(L)'
;MTAPTVPVALVTGAAKRLGRSIAEGLHAEGYAV(CSX)LHYHRSAAEANALSATLNARRPNSAITVQADLSNVATAPVSG
ADGSAPVTLFTRCAELVAACYTHWGRCDVLVNNASSFYPTPLLRNDEDGHEPCVGDREAMETATADLFGSNAIAPYFLIK
AFAHRVAGTPAKHRGTNYSIINMVDAMTNQPLLGYTIYTMAKGALEGLTRSAALELAPLQIRVNGVGPGLSVLVDDMPPA
VWEGHRSKVPLYQRDSSAAEVSDVVIFLCSSKAKYITGTCVKVDGGYSLTRA
;
A
2 'polypeptide(L)'
;MTAPTVPVALVTGAAKRLGRSIAEGLHAEGYAVCLHYHRSAAEANALSATLNARRPNSAITVQADLSNVATAPVSGADGS
APVTLFTRCAELVAACYTHWGRCDVLVNNASSFYPTPLLRNDEDGHEPCVGDREAMETATADLFGSNAIAPYFLIKAFAH
RVAGTPAKHRGTNYSIINMVDAMTNQPLLGYTIYTMAKGALEGLTRSAALELAPLQIRVNGVGPGLSVLVDDMPPAVWEG
HRSKVPLYQRDSSAAEVSDVVIFLCSSKAKYITGT(CSX)VKVDGGYSLTRA
;
B,C,D
#
# COMPACT_ATOMS: atom_id res chain seq x y z
N THR A 5 -11.02 35.81 14.56
CA THR A 5 -12.03 35.99 13.53
C THR A 5 -11.57 35.40 12.19
N VAL A 6 -10.30 35.59 11.88
CA VAL A 6 -9.70 35.10 10.65
C VAL A 6 -8.91 33.83 10.98
N PRO A 7 -9.09 32.73 10.25
CA PRO A 7 -8.34 31.51 10.56
C PRO A 7 -6.85 31.67 10.28
N VAL A 8 -6.05 30.89 10.97
CA VAL A 8 -4.60 31.03 10.94
C VAL A 8 -3.95 29.71 10.53
N ALA A 9 -3.00 29.79 9.60
CA ALA A 9 -2.25 28.64 9.16
C ALA A 9 -0.77 28.84 9.46
N LEU A 10 -0.10 27.78 9.89
CA LEU A 10 1.35 27.77 10.05
C LEU A 10 1.95 26.87 8.97
N VAL A 11 2.75 27.45 8.09
CA VAL A 11 3.35 26.72 6.98
C VAL A 11 4.85 26.69 7.23
N THR A 12 5.42 25.50 7.40
CA THR A 12 6.87 25.41 7.57
C THR A 12 7.56 25.40 6.21
N GLY A 13 8.78 25.95 6.17
CA GLY A 13 9.47 26.13 4.89
C GLY A 13 8.67 26.87 3.84
N ALA A 14 8.10 28.03 4.21
CA ALA A 14 7.18 28.79 3.37
C ALA A 14 7.87 29.75 2.41
N ALA A 15 9.21 29.85 2.41
CA ALA A 15 9.82 30.98 1.73
C ALA A 15 9.79 30.84 0.21
N LYS A 16 9.85 29.63 -0.30
CA LYS A 16 10.07 29.41 -1.72
C LYS A 16 9.22 28.25 -2.18
N ARG A 17 9.12 28.10 -3.50
CA ARG A 17 8.73 26.82 -4.14
C ARG A 17 7.36 26.38 -3.63
N LEU A 18 7.20 25.14 -3.15
CA LEU A 18 5.88 24.64 -2.80
C LEU A 18 5.34 25.32 -1.55
N GLY A 19 6.20 25.50 -0.55
CA GLY A 19 5.75 26.14 0.68
C GLY A 19 5.20 27.54 0.46
N ARG A 20 5.86 28.31 -0.42
CA ARG A 20 5.35 29.65 -0.73
C ARG A 20 4.01 29.59 -1.44
N SER A 21 3.86 28.65 -2.37
CA SER A 21 2.60 28.49 -3.09
C SER A 21 1.49 28.05 -2.16
N ILE A 22 1.82 27.20 -1.18
CA ILE A 22 0.85 26.79 -0.15
C ILE A 22 0.45 28.01 0.68
N ALA A 23 1.43 28.79 1.10
CA ALA A 23 1.14 30.02 1.84
C ALA A 23 0.25 30.98 1.03
N GLU A 24 0.62 31.20 -0.23
CA GLU A 24 -0.19 32.07 -1.10
C GLU A 24 -1.61 31.52 -1.26
N GLY A 25 -1.72 30.20 -1.46
CA GLY A 25 -3.02 29.62 -1.70
C GLY A 25 -3.94 29.70 -0.48
N LEU A 26 -3.39 29.46 0.71
CA LEU A 26 -4.21 29.59 1.91
C LEU A 26 -4.54 31.05 2.17
N HIS A 27 -3.56 31.94 1.94
CA HIS A 27 -3.83 33.35 2.10
C HIS A 27 -4.94 33.82 1.16
N ALA A 28 -5.01 33.25 -0.04
CA ALA A 28 -6.04 33.63 -1.00
C ALA A 28 -7.43 33.21 -0.54
N GLU A 29 -7.52 32.18 0.30
CA GLU A 29 -8.78 31.74 0.89
C GLU A 29 -9.14 32.52 2.14
N GLY A 30 -8.29 33.44 2.60
CA GLY A 30 -8.60 34.28 3.73
C GLY A 30 -7.80 33.99 4.99
N TYR A 31 -6.92 33.00 4.96
CA TYR A 31 -6.10 32.69 6.12
C TYR A 31 -5.05 33.77 6.35
N ALA A 32 -4.80 34.10 7.62
CA ALA A 32 -3.54 34.73 7.99
C ALA A 32 -2.48 33.64 8.05
N VAL A 33 -1.26 33.95 7.61
CA VAL A 33 -0.28 32.87 7.53
C VAL A 33 0.98 33.18 8.28
N LEU A 35 4.60 32.31 8.38
CA LEU A 35 5.57 31.83 7.43
C LEU A 35 6.85 31.46 8.14
N HIS A 36 7.09 30.17 8.32
CA HIS A 36 8.32 29.73 8.96
C HIS A 36 9.45 29.64 7.94
N TYR A 37 10.67 29.87 8.41
CA TYR A 37 11.84 29.72 7.56
C TYR A 37 13.04 29.33 8.40
N HIS A 38 14.06 28.83 7.71
CA HIS A 38 15.32 28.49 8.32
C HIS A 38 16.37 29.45 7.79
N ARG A 39 16.81 29.25 6.55
CA ARG A 39 17.89 30.09 6.03
C ARG A 39 17.40 31.20 5.11
N SER A 40 16.19 31.10 4.59
CA SER A 40 15.72 31.99 3.54
C SER A 40 14.99 33.21 4.13
N ALA A 41 15.71 33.98 4.95
CA ALA A 41 15.06 35.11 5.61
C ALA A 41 14.61 36.15 4.59
N ALA A 42 15.43 36.42 3.58
CA ALA A 42 15.07 37.44 2.60
C ALA A 42 13.81 37.06 1.85
N GLU A 43 13.76 35.81 1.37
CA GLU A 43 12.60 35.35 0.62
C GLU A 43 11.35 35.33 1.48
N ALA A 44 11.48 34.90 2.75
CA ALA A 44 10.31 34.85 3.63
C ALA A 44 9.77 36.25 3.90
N ASN A 45 10.67 37.21 4.19
CA ASN A 45 10.22 38.56 4.49
C ASN A 45 9.63 39.24 3.25
N ALA A 46 10.16 38.92 2.07
CA ALA A 46 9.56 39.43 0.84
C ALA A 46 8.14 38.91 0.65
N LEU A 47 7.95 37.61 0.85
CA LEU A 47 6.59 37.05 0.74
C LEU A 47 5.65 37.68 1.76
N SER A 48 6.11 37.82 3.01
CA SER A 48 5.25 38.40 4.05
C SER A 48 4.88 39.85 3.71
N ALA A 49 5.84 40.62 3.22
CA ALA A 49 5.55 41.97 2.76
C ALA A 49 4.47 41.94 1.68
N THR A 50 4.56 41.01 0.73
CA THR A 50 3.57 40.93 -0.32
C THR A 50 2.18 40.62 0.25
N LEU A 51 2.10 39.61 1.12
CA LEU A 51 0.81 39.24 1.71
C LEU A 51 0.24 40.37 2.56
N ASN A 52 1.09 41.05 3.31
CA ASN A 52 0.61 42.13 4.16
C ASN A 52 0.19 43.34 3.33
N ALA A 53 0.86 43.58 2.21
CA ALA A 53 0.40 44.63 1.30
C ALA A 53 -1.00 44.31 0.77
N ARG A 54 -1.25 43.05 0.40
CA ARG A 54 -2.56 42.66 -0.09
C ARG A 54 -3.62 42.77 1.01
N ARG A 55 -3.29 42.34 2.22
CA ARG A 55 -4.22 42.33 3.35
C ARG A 55 -3.45 42.63 4.63
N PRO A 56 -3.68 43.79 5.25
CA PRO A 56 -2.88 44.16 6.43
C PRO A 56 -2.98 43.12 7.53
N ASN A 57 -1.82 42.83 8.15
CA ASN A 57 -1.71 41.93 9.29
C ASN A 57 -2.20 40.53 8.92
N SER A 58 -1.85 40.06 7.73
CA SER A 58 -2.20 38.72 7.31
C SER A 58 -0.98 37.80 7.21
N ALA A 59 0.21 38.25 7.61
CA ALA A 59 1.37 37.37 7.60
C ALA A 59 2.38 37.79 8.66
N ILE A 60 3.11 36.80 9.19
CA ILE A 60 4.31 37.05 9.98
C ILE A 60 5.35 36.01 9.57
N THR A 61 6.60 36.27 9.93
CA THR A 61 7.67 35.32 9.64
C THR A 61 8.33 34.89 10.94
N VAL A 62 8.64 33.59 11.05
CA VAL A 62 9.35 33.04 12.20
CA VAL A 62 9.35 33.05 12.20
C VAL A 62 10.48 32.14 11.72
N GLN A 63 11.63 32.24 12.38
CA GLN A 63 12.81 31.44 12.08
C GLN A 63 12.90 30.27 13.06
N ALA A 64 13.24 29.09 12.54
CA ALA A 64 13.61 27.97 13.41
C ALA A 64 14.30 26.88 12.60
N ASP A 65 15.37 26.35 13.19
CA ASP A 65 16.00 25.13 12.68
C ASP A 65 15.19 23.94 13.17
N LEU A 66 14.63 23.16 12.22
CA LEU A 66 13.82 22.01 12.55
C LEU A 66 14.63 20.73 12.55
N SER A 67 15.94 20.82 12.42
CA SER A 67 16.80 19.67 12.60
C SER A 67 16.70 19.18 14.03
N ASN A 68 16.90 17.87 14.24
CA ASN A 68 16.78 17.28 15.58
C ASN A 68 18.07 17.50 16.39
N VAL A 69 18.34 18.78 16.66
CA VAL A 69 19.52 19.22 17.39
CA VAL A 69 19.53 19.26 17.35
C VAL A 69 19.11 20.27 18.41
N ALA A 70 19.93 20.41 19.46
CA ALA A 70 19.78 21.50 20.40
C ALA A 70 20.41 22.76 19.80
N THR A 71 19.80 23.92 20.07
CA THR A 71 20.34 25.16 19.56
C THR A 71 20.79 26.08 20.70
N ALA A 72 21.35 27.23 20.32
CA ALA A 72 21.99 28.14 21.27
C ALA A 72 20.99 28.66 22.29
N PRO A 73 21.32 28.62 23.59
CA PRO A 73 20.53 29.17 24.70
C PRO A 73 19.98 30.57 24.42
N ALA A 81 21.39 27.66 28.80
CA ALA A 81 20.71 26.36 28.72
C ALA A 81 20.17 26.13 27.31
N PRO A 82 20.59 25.01 26.69
CA PRO A 82 20.26 24.78 25.28
C PRO A 82 18.77 24.67 25.04
N VAL A 83 18.37 24.99 23.82
CA VAL A 83 16.97 24.96 23.40
C VAL A 83 16.77 23.71 22.54
N THR A 84 15.83 22.86 22.94
CA THR A 84 15.55 21.60 22.26
C THR A 84 14.67 21.80 21.03
N LEU A 85 14.68 20.80 20.12
CA LEU A 85 13.83 20.87 18.94
CA LEU A 85 13.83 20.86 18.93
C LEU A 85 12.36 21.00 19.32
N PHE A 86 11.91 20.25 20.33
CA PHE A 86 10.52 20.32 20.77
C PHE A 86 10.19 21.73 21.21
N THR A 87 11.05 22.32 22.03
CA THR A 87 10.83 23.69 22.48
C THR A 87 10.72 24.62 21.29
N ARG A 88 11.63 24.53 20.32
CA ARG A 88 11.53 25.37 19.14
C ARG A 88 10.22 25.11 18.41
N CYS A 89 9.76 23.86 18.44
CA CYS A 89 8.54 23.53 17.73
C CYS A 89 7.31 24.10 18.44
N ALA A 90 7.27 24.00 19.77
CA ALA A 90 6.17 24.59 20.52
C ALA A 90 6.13 26.10 20.32
N GLU A 91 7.31 26.74 20.23
CA GLU A 91 7.36 28.19 20.07
C GLU A 91 6.86 28.64 18.70
N LEU A 92 6.97 27.78 17.67
CA LEU A 92 6.39 28.12 16.38
C LEU A 92 4.88 28.19 16.48
N VAL A 93 4.27 27.17 17.06
CA VAL A 93 2.82 27.16 17.23
C VAL A 93 2.39 28.27 18.16
N ALA A 94 3.13 28.50 19.23
CA ALA A 94 2.77 29.57 20.15
C ALA A 94 2.84 30.96 19.49
N ALA A 95 3.73 31.14 18.51
CA ALA A 95 3.78 32.42 17.81
C ALA A 95 2.44 32.74 17.13
N CYS A 96 1.75 31.71 16.67
CA CYS A 96 0.46 31.95 16.04
C CYS A 96 -0.55 32.44 17.06
N TYR A 97 -0.60 31.78 18.22
CA TYR A 97 -1.53 32.15 19.29
C TYR A 97 -1.18 33.51 19.88
N THR A 98 0.10 33.80 20.06
CA THR A 98 0.50 35.10 20.59
C THR A 98 0.07 36.23 19.67
N HIS A 99 0.24 36.05 18.36
CA HIS A 99 -0.01 37.15 17.43
C HIS A 99 -1.48 37.25 17.07
N TRP A 100 -2.13 36.13 16.75
CA TRP A 100 -3.51 36.10 16.31
C TRP A 100 -4.48 35.34 17.22
N GLY A 101 -4.02 34.71 18.29
CA GLY A 101 -4.92 34.02 19.20
C GLY A 101 -5.43 32.65 18.76
N ARG A 102 -4.84 32.06 17.72
CA ARG A 102 -5.40 30.81 17.20
C ARG A 102 -4.40 30.19 16.23
N CYS A 103 -4.58 28.89 16.01
CA CYS A 103 -3.83 28.20 14.95
C CYS A 103 -4.76 27.11 14.43
N ASP A 104 -5.23 27.24 13.21
CA ASP A 104 -6.22 26.32 12.66
C ASP A 104 -5.63 25.30 11.70
N VAL A 105 -4.60 25.66 10.95
CA VAL A 105 -4.02 24.79 9.95
C VAL A 105 -2.53 24.72 10.21
N LEU A 106 -1.97 23.52 10.11
CA LEU A 106 -0.52 23.32 10.08
C LEU A 106 -0.14 22.53 8.83
N VAL A 107 0.83 23.04 8.07
CA VAL A 107 1.35 22.35 6.89
C VAL A 107 2.80 22.03 7.19
N ASN A 108 3.11 20.75 7.37
CA ASN A 108 4.48 20.31 7.60
C ASN A 108 5.12 20.13 6.22
N ASN A 109 5.75 21.19 5.73
CA ASN A 109 6.32 21.27 4.40
C ASN A 109 7.83 21.36 4.41
N ALA A 110 8.43 21.91 5.48
CA ALA A 110 9.89 22.07 5.54
C ALA A 110 10.58 20.72 5.38
N SER A 111 11.69 20.71 4.63
CA SER A 111 12.24 19.41 4.28
C SER A 111 13.61 19.48 3.64
N SER A 112 14.61 18.89 4.29
CA SER A 112 15.90 18.78 3.66
CA SER A 112 15.93 18.76 3.70
C SER A 112 15.96 17.53 2.80
N PHE A 113 16.74 17.63 1.71
CA PHE A 113 16.69 16.60 0.66
C PHE A 113 18.07 16.54 0.03
N TYR A 114 18.84 15.51 0.37
CA TYR A 114 20.14 15.25 -0.26
C TYR A 114 20.51 13.81 0.00
N PRO A 115 21.47 13.26 -0.75
CA PRO A 115 21.77 11.84 -0.64
C PRO A 115 22.43 11.47 0.68
N THR A 116 22.19 10.23 1.10
CA THR A 116 22.97 9.52 2.12
C THR A 116 23.26 8.12 1.60
N PRO A 117 24.25 7.97 0.72
CA PRO A 117 24.49 6.66 0.10
C PRO A 117 24.93 5.62 1.13
N LEU A 118 24.47 4.40 0.92
CA LEU A 118 24.86 3.34 1.85
C LEU A 118 26.27 2.85 1.61
N LEU A 119 26.83 3.11 0.43
CA LEU A 119 28.16 2.64 0.07
C LEU A 119 29.06 3.81 -0.33
N ARG A 120 30.34 3.66 -0.03
CA ARG A 120 31.36 4.66 -0.35
C ARG A 120 32.74 4.01 -0.43
N GLU A 134 31.30 14.28 11.81
CA GLU A 134 30.15 15.07 12.24
C GLU A 134 29.11 15.15 11.14
N ALA A 135 29.57 15.27 9.90
CA ALA A 135 28.67 15.38 8.75
C ALA A 135 27.74 14.18 8.59
N MET A 136 28.02 13.08 9.29
CA MET A 136 27.10 11.94 9.28
C MET A 136 25.96 12.18 10.26
N GLU A 137 26.28 12.60 11.48
CA GLU A 137 25.25 12.81 12.49
C GLU A 137 24.41 14.04 12.22
N THR A 138 25.01 15.09 11.61
CA THR A 138 24.23 16.28 11.34
C THR A 138 23.25 16.04 10.18
N ALA A 139 23.62 15.19 9.21
CA ALA A 139 22.68 14.89 8.13
C ALA A 139 21.50 14.07 8.64
N THR A 140 21.76 13.07 9.50
CA THR A 140 20.66 12.32 10.10
C THR A 140 19.74 13.26 10.87
N ALA A 141 20.29 14.05 11.77
CA ALA A 141 19.48 14.99 12.53
C ALA A 141 18.73 15.95 11.62
N ASP A 142 19.34 16.38 10.52
CA ASP A 142 18.73 17.36 9.64
C ASP A 142 17.67 16.73 8.75
N LEU A 143 17.98 15.59 8.14
CA LEU A 143 16.97 14.95 7.30
C LEU A 143 15.85 14.37 8.16
N PHE A 144 16.20 13.70 9.26
CA PHE A 144 15.13 13.11 10.07
C PHE A 144 14.37 14.18 10.84
N GLY A 145 15.06 15.21 11.30
CA GLY A 145 14.39 16.32 11.96
C GLY A 145 13.38 17.04 11.09
N SER A 146 13.81 17.55 9.95
CA SER A 146 12.90 18.37 9.13
C SER A 146 11.71 17.56 8.64
N ASN A 147 11.91 16.29 8.32
CA ASN A 147 10.90 15.53 7.61
CA ASN A 147 10.90 15.52 7.61
C ASN A 147 10.01 14.68 8.52
N ALA A 148 10.41 14.47 9.78
CA ALA A 148 9.63 13.56 10.61
C ALA A 148 9.47 14.01 12.05
N ILE A 149 10.58 14.30 12.74
CA ILE A 149 10.51 14.57 14.16
C ILE A 149 9.92 15.95 14.43
N ALA A 150 10.39 16.99 13.71
CA ALA A 150 9.76 18.29 13.86
C ALA A 150 8.28 18.26 13.48
N PRO A 151 7.85 17.59 12.38
CA PRO A 151 6.40 17.38 12.18
C PRO A 151 5.70 16.85 13.40
N TYR A 152 6.34 15.87 14.07
CA TYR A 152 5.72 15.23 15.23
C TYR A 152 5.51 16.20 16.38
N PHE A 153 6.57 16.94 16.75
CA PHE A 153 6.45 17.88 17.87
C PHE A 153 5.55 19.06 17.50
N LEU A 154 5.51 19.44 16.22
CA LEU A 154 4.57 20.48 15.81
C LEU A 154 3.15 19.97 15.90
N ILE A 155 2.92 18.71 15.51
CA ILE A 155 1.56 18.20 15.60
C ILE A 155 1.12 18.13 17.05
N LYS A 156 2.01 17.69 17.93
CA LYS A 156 1.66 17.58 19.34
CA LYS A 156 1.66 17.58 19.34
C LYS A 156 1.37 18.95 19.95
N ALA A 157 2.27 19.92 19.71
CA ALA A 157 2.06 21.28 20.19
C ALA A 157 0.73 21.86 19.68
N PHE A 158 0.47 21.68 18.38
CA PHE A 158 -0.80 22.10 17.78
C PHE A 158 -1.98 21.43 18.48
N ALA A 159 -1.92 20.10 18.66
CA ALA A 159 -3.01 19.36 19.31
C ALA A 159 -3.18 19.82 20.76
N HIS A 160 -2.07 20.04 21.46
CA HIS A 160 -2.12 20.50 22.84
C HIS A 160 -2.86 21.83 22.98
N ARG A 161 -2.59 22.78 22.08
CA ARG A 161 -3.24 24.08 22.17
C ARG A 161 -4.72 23.98 21.86
N VAL A 162 -5.12 23.09 20.96
CA VAL A 162 -6.54 22.89 20.71
C VAL A 162 -7.21 22.27 21.94
N ALA A 163 -6.63 21.19 22.47
CA ALA A 163 -7.20 20.55 23.65
C ALA A 163 -7.35 21.55 24.81
N GLY A 164 -6.41 22.49 24.93
CA GLY A 164 -6.46 23.47 26.01
C GLY A 164 -7.46 24.59 25.79
N THR A 165 -7.98 24.72 24.59
CA THR A 165 -8.98 25.72 24.29
C THR A 165 -10.35 25.19 24.70
N PRO A 166 -11.15 25.96 25.44
CA PRO A 166 -12.51 25.52 25.76
C PRO A 166 -13.32 25.31 24.48
N ALA A 167 -14.15 24.27 24.48
CA ALA A 167 -14.84 23.89 23.25
C ALA A 167 -15.66 25.04 22.69
N LYS A 168 -16.17 25.92 23.58
CA LYS A 168 -16.90 27.11 23.12
C LYS A 168 -16.07 27.95 22.17
N HIS A 169 -14.74 27.94 22.32
CA HIS A 169 -13.87 28.84 21.58
C HIS A 169 -13.00 28.11 20.56
N ARG A 170 -13.25 26.84 20.29
CA ARG A 170 -12.40 26.15 19.33
C ARG A 170 -12.77 26.56 17.91
N GLY A 171 -11.79 26.51 17.00
CA GLY A 171 -12.07 26.63 15.59
C GLY A 171 -12.92 25.47 15.10
N THR A 172 -13.50 25.65 13.91
CA THR A 172 -14.45 24.68 13.39
C THR A 172 -13.89 23.84 12.24
N ASN A 173 -12.63 24.06 11.86
CA ASN A 173 -12.07 23.38 10.68
C ASN A 173 -10.55 23.26 10.86
N TYR A 174 -10.12 22.39 11.78
CA TYR A 174 -8.69 22.17 12.03
C TYR A 174 -8.16 21.18 11.01
N SER A 175 -7.02 21.50 10.42
CA SER A 175 -6.48 20.66 9.37
C SER A 175 -4.98 20.64 9.50
N ILE A 176 -4.38 19.46 9.51
CA ILE A 176 -2.94 19.31 9.40
C ILE A 176 -2.62 18.59 8.09
N ILE A 177 -1.72 19.17 7.30
CA ILE A 177 -1.24 18.55 6.08
C ILE A 177 0.25 18.23 6.20
N ASN A 178 0.60 16.97 5.94
CA ASN A 178 2.00 16.56 5.86
C ASN A 178 2.41 16.41 4.40
N MET A 179 3.52 17.03 4.02
CA MET A 179 3.99 16.94 2.63
C MET A 179 4.82 15.68 2.51
N VAL A 180 4.26 14.63 1.91
CA VAL A 180 4.97 13.36 1.80
C VAL A 180 5.55 13.21 0.38
N ASP A 181 5.67 11.99 -0.10
CA ASP A 181 6.33 11.72 -1.37
C ASP A 181 5.55 10.65 -2.11
N ALA A 182 5.04 10.96 -3.29
CA ALA A 182 4.29 9.97 -4.06
C ALA A 182 5.13 8.75 -4.43
N MET A 183 6.46 8.88 -4.47
CA MET A 183 7.33 7.82 -4.94
C MET A 183 7.87 6.95 -3.80
N THR A 184 7.13 6.85 -2.69
CA THR A 184 7.66 6.20 -1.49
C THR A 184 7.97 4.72 -1.74
N ASN A 185 7.12 4.03 -2.52
CA ASN A 185 7.35 2.61 -2.79
C ASN A 185 8.45 2.38 -3.81
N GLN A 186 8.93 3.44 -4.46
CA GLN A 186 9.95 3.38 -5.50
C GLN A 186 11.10 4.30 -5.13
N PRO A 187 11.98 3.87 -4.22
CA PRO A 187 12.97 4.79 -3.63
C PRO A 187 13.94 5.39 -4.63
N LEU A 188 14.31 6.64 -4.35
CA LEU A 188 15.35 7.33 -5.09
C LEU A 188 16.70 6.78 -4.66
N LEU A 189 17.51 6.36 -5.63
CA LEU A 189 18.77 5.70 -5.34
C LEU A 189 19.72 6.62 -4.57
N GLY A 190 20.18 6.15 -3.41
CA GLY A 190 21.13 6.89 -2.60
C GLY A 190 20.53 7.82 -1.56
N TYR A 191 19.20 7.86 -1.45
CA TYR A 191 18.51 8.81 -0.57
C TYR A 191 17.86 8.13 0.64
N THR A 192 18.58 7.20 1.30
CA THR A 192 17.94 6.31 2.28
C THR A 192 17.36 7.05 3.48
N ILE A 193 18.08 8.05 4.02
CA ILE A 193 17.52 8.73 5.18
C ILE A 193 16.28 9.52 4.81
N TYR A 194 16.33 10.23 3.68
CA TYR A 194 15.16 10.96 3.21
C TYR A 194 13.97 10.02 3.05
N THR A 195 14.19 8.90 2.34
CA THR A 195 13.10 7.96 2.13
C THR A 195 12.55 7.47 3.46
N MET A 196 13.43 7.14 4.41
CA MET A 196 13.02 6.70 5.74
C MET A 196 12.16 7.77 6.43
N ALA A 197 12.61 9.01 6.40
CA ALA A 197 11.88 10.08 7.09
C ALA A 197 10.48 10.27 6.51
N LYS A 198 10.36 10.27 5.17
CA LYS A 198 9.04 10.36 4.57
CA LYS A 198 9.04 10.35 4.56
C LYS A 198 8.17 9.16 4.93
N GLY A 199 8.78 7.97 5.07
CA GLY A 199 8.02 6.83 5.51
C GLY A 199 7.54 7.00 6.94
N ALA A 200 8.39 7.59 7.78
CA ALA A 200 7.97 7.97 9.12
C ALA A 200 6.86 9.03 9.10
N LEU A 201 6.92 9.98 8.15
CA LEU A 201 5.91 11.02 8.06
C LEU A 201 4.54 10.46 7.66
N GLU A 202 4.53 9.43 6.82
CA GLU A 202 3.28 8.76 6.53
C GLU A 202 2.73 8.05 7.77
N GLY A 203 3.59 7.44 8.58
CA GLY A 203 3.13 6.87 9.83
C GLY A 203 2.51 7.91 10.74
N LEU A 204 3.18 9.05 10.88
CA LEU A 204 2.65 10.15 11.64
C LEU A 204 1.27 10.57 11.13
N THR A 205 1.12 10.69 9.81
CA THR A 205 -0.18 11.04 9.23
C THR A 205 -1.29 10.10 9.72
N ARG A 206 -1.05 8.79 9.63
CA ARG A 206 -2.08 7.84 10.01
CA ARG A 206 -2.09 7.83 10.01
C ARG A 206 -2.31 7.84 11.52
N SER A 207 -1.22 7.86 12.30
CA SER A 207 -1.38 7.78 13.75
C SER A 207 -2.02 9.03 14.31
N ALA A 208 -1.61 10.20 13.81
CA ALA A 208 -2.18 11.45 14.30
C ALA A 208 -3.64 11.58 13.89
N ALA A 209 -3.97 11.17 12.66
CA ALA A 209 -5.36 11.23 12.24
C ALA A 209 -6.26 10.40 13.15
N LEU A 210 -5.78 9.22 13.58
CA LEU A 210 -6.61 8.39 14.44
C LEU A 210 -6.73 8.99 15.84
N GLU A 211 -5.59 9.45 16.39
CA GLU A 211 -5.62 9.95 17.77
C GLU A 211 -6.27 11.32 17.88
N LEU A 212 -6.21 12.15 16.84
CA LEU A 212 -6.79 13.49 16.93
C LEU A 212 -8.18 13.59 16.31
N ALA A 213 -8.71 12.51 15.75
CA ALA A 213 -10.10 12.54 15.32
C ALA A 213 -11.10 12.99 16.40
N PRO A 214 -10.98 12.64 17.68
CA PRO A 214 -11.96 13.14 18.65
C PRO A 214 -12.02 14.65 18.74
N LEU A 215 -10.91 15.36 18.53
CA LEU A 215 -10.96 16.82 18.50
C LEU A 215 -11.23 17.36 17.10
N GLN A 216 -11.69 16.52 16.18
CA GLN A 216 -12.03 16.94 14.82
C GLN A 216 -10.84 17.59 14.12
N ILE A 217 -9.62 17.20 14.50
CA ILE A 217 -8.41 17.61 13.79
C ILE A 217 -8.11 16.55 12.74
N ARG A 218 -8.23 16.94 11.47
CA ARG A 218 -7.92 16.07 10.36
C ARG A 218 -6.43 16.14 10.05
N VAL A 219 -5.86 15.01 9.66
CA VAL A 219 -4.44 14.92 9.34
C VAL A 219 -4.33 14.15 8.04
N ASN A 220 -3.78 14.77 7.01
CA ASN A 220 -3.71 14.16 5.70
C ASN A 220 -2.33 14.41 5.10
N GLY A 221 -2.03 13.71 4.01
CA GLY A 221 -0.79 13.93 3.29
C GLY A 221 -1.04 14.32 1.85
N VAL A 222 -0.09 15.08 1.30
CA VAL A 222 -0.03 15.36 -0.12
C VAL A 222 1.37 14.95 -0.59
N GLY A 223 1.43 14.03 -1.54
CA GLY A 223 2.69 13.53 -2.02
C GLY A 223 2.95 13.91 -3.46
N PRO A 224 3.80 14.91 -3.68
CA PRO A 224 4.22 15.23 -5.05
C PRO A 224 5.05 14.11 -5.60
N GLY A 225 5.15 14.07 -6.93
CA GLY A 225 6.10 13.25 -7.62
C GLY A 225 7.31 14.07 -7.97
N LEU A 226 7.29 14.68 -9.15
CA LEU A 226 8.30 15.63 -9.60
C LEU A 226 7.62 17.00 -9.69
N SER A 227 8.04 17.94 -8.85
CA SER A 227 7.46 19.29 -8.83
C SER A 227 8.56 20.32 -8.85
N VAL A 228 8.41 21.33 -9.71
CA VAL A 228 9.33 22.46 -9.85
C VAL A 228 10.77 21.97 -9.82
N LEU A 229 11.08 21.03 -10.70
CA LEU A 229 12.39 20.41 -10.74
C LEU A 229 13.46 21.49 -10.93
N VAL A 230 14.47 21.47 -10.07
CA VAL A 230 15.59 22.37 -10.25
C VAL A 230 16.32 21.99 -11.52
N ASP A 231 16.77 22.98 -12.28
CA ASP A 231 17.37 22.74 -13.58
C ASP A 231 18.87 22.98 -13.57
N ASP A 232 19.51 22.84 -12.41
CA ASP A 232 20.97 22.99 -12.28
C ASP A 232 21.69 21.73 -12.77
N MET A 233 21.49 21.43 -14.05
CA MET A 233 22.11 20.29 -14.71
C MET A 233 21.99 20.51 -16.21
N PRO A 234 22.61 19.66 -17.02
CA PRO A 234 22.46 19.82 -18.49
C PRO A 234 21.00 19.83 -18.88
N PRO A 235 20.62 20.73 -19.79
CA PRO A 235 19.22 20.75 -20.28
C PRO A 235 18.71 19.40 -20.73
N ALA A 236 19.49 18.66 -21.52
CA ALA A 236 19.02 17.35 -21.98
C ALA A 236 18.72 16.43 -20.81
N VAL A 237 19.47 16.57 -19.72
CA VAL A 237 19.29 15.71 -18.55
C VAL A 237 18.03 16.12 -17.78
N TRP A 238 17.79 17.42 -17.66
CA TRP A 238 16.59 17.91 -16.99
C TRP A 238 15.35 17.60 -17.82
N GLU A 239 15.43 17.74 -19.14
CA GLU A 239 14.30 17.36 -19.99
C GLU A 239 14.10 15.85 -19.96
N GLY A 240 15.18 15.09 -19.76
CA GLY A 240 15.05 13.65 -19.70
C GLY A 240 14.32 13.15 -18.46
N HIS A 241 14.57 13.80 -17.31
CA HIS A 241 13.85 13.48 -16.08
C HIS A 241 12.37 13.83 -16.22
N ARG A 242 12.08 15.09 -16.56
CA ARG A 242 10.72 15.58 -16.75
C ARG A 242 9.90 14.69 -17.65
N SER A 243 10.49 14.27 -18.78
CA SER A 243 9.76 13.52 -19.80
C SER A 243 9.28 12.16 -19.31
N LYS A 244 9.75 11.67 -18.17
CA LYS A 244 9.30 10.39 -17.65
C LYS A 244 7.93 10.44 -17.00
N VAL A 245 7.38 11.64 -16.74
CA VAL A 245 6.07 11.73 -16.11
C VAL A 245 5.00 11.43 -17.17
N PRO A 246 4.18 10.38 -17.01
CA PRO A 246 3.20 10.06 -18.06
C PRO A 246 2.28 11.23 -18.46
N LEU A 247 1.73 11.95 -17.49
CA LEU A 247 0.84 13.06 -17.76
C LEU A 247 1.64 14.32 -18.06
N TYR A 248 1.50 14.86 -19.29
CA TYR A 248 2.14 16.10 -19.74
C TYR A 248 3.65 16.01 -19.95
N GLN A 249 4.29 14.90 -19.54
CA GLN A 249 5.73 14.72 -19.71
C GLN A 249 6.50 15.91 -19.14
N ARG A 250 6.10 16.33 -17.95
CA ARG A 250 6.78 17.44 -17.27
C ARG A 250 6.55 17.31 -15.78
N ASP A 251 7.43 17.94 -15.02
CA ASP A 251 7.20 18.13 -13.60
C ASP A 251 6.02 19.08 -13.39
N SER A 252 5.48 19.09 -12.18
CA SER A 252 4.33 19.94 -11.89
C SER A 252 4.74 21.36 -11.56
N SER A 253 3.78 22.29 -11.72
CA SER A 253 3.95 23.63 -11.19
C SER A 253 3.77 23.60 -9.68
N ALA A 254 4.16 24.68 -9.01
CA ALA A 254 3.92 24.76 -7.57
C ALA A 254 2.42 24.75 -7.26
N ALA A 255 1.62 25.51 -8.03
CA ALA A 255 0.18 25.58 -7.76
C ALA A 255 -0.52 24.23 -7.99
N GLU A 256 -0.01 23.41 -8.91
CA GLU A 256 -0.63 22.11 -9.15
C GLU A 256 -0.55 21.20 -7.94
N VAL A 257 0.42 21.43 -7.05
CA VAL A 257 0.44 20.76 -5.75
C VAL A 257 -0.32 21.55 -4.70
N SER A 258 -0.07 22.86 -4.60
CA SER A 258 -0.61 23.59 -3.45
C SER A 258 -2.13 23.71 -3.52
N ASP A 259 -2.72 23.73 -4.72
CA ASP A 259 -4.18 23.76 -4.79
C ASP A 259 -4.78 22.54 -4.13
N VAL A 260 -4.07 21.41 -4.13
CA VAL A 260 -4.63 20.22 -3.50
C VAL A 260 -4.56 20.35 -1.99
N VAL A 261 -3.46 20.91 -1.48
CA VAL A 261 -3.32 21.20 -0.06
C VAL A 261 -4.47 22.08 0.40
N ILE A 262 -4.75 23.13 -0.36
CA ILE A 262 -5.81 24.08 0.00
C ILE A 262 -7.17 23.40 -0.01
N PHE A 263 -7.44 22.55 -1.03
CA PHE A 263 -8.70 21.82 -1.01
C PHE A 263 -8.82 20.95 0.23
N LEU A 264 -7.76 20.23 0.58
CA LEU A 264 -7.86 19.35 1.74
C LEU A 264 -8.07 20.15 3.03
N CYS A 265 -7.63 21.40 3.07
CA CYS A 265 -7.88 22.22 4.24
C CYS A 265 -9.29 22.78 4.27
N SER A 266 -9.98 22.82 3.12
CA SER A 266 -11.32 23.39 3.02
C SER A 266 -12.36 22.55 3.78
N SER A 267 -13.45 23.20 4.15
CA SER A 267 -14.51 22.46 4.84
C SER A 267 -15.19 21.44 3.93
N LYS A 268 -15.08 21.60 2.60
CA LYS A 268 -15.62 20.57 1.72
C LYS A 268 -14.91 19.23 1.86
N ALA A 269 -13.68 19.23 2.38
CA ALA A 269 -12.89 18.03 2.61
C ALA A 269 -13.00 17.46 4.03
N LYS A 270 -14.02 17.86 4.80
CA LYS A 270 -14.02 17.58 6.23
C LYS A 270 -14.28 16.12 6.60
N TYR A 271 -14.59 15.23 5.65
CA TYR A 271 -14.69 13.81 5.99
C TYR A 271 -13.39 13.06 5.67
N ILE A 272 -12.39 13.75 5.13
CA ILE A 272 -11.11 13.14 4.75
C ILE A 272 -10.16 13.25 5.93
N THR A 273 -9.64 12.10 6.38
CA THR A 273 -8.55 12.12 7.33
C THR A 273 -7.77 10.83 7.20
N GLY A 274 -6.48 10.89 7.53
CA GLY A 274 -5.65 9.71 7.49
C GLY A 274 -5.25 9.28 6.12
N THR A 275 -5.36 10.17 5.14
CA THR A 275 -5.26 9.86 3.72
C THR A 275 -4.08 10.61 3.12
N CYS A 276 -3.38 9.97 2.18
CA CYS A 276 -2.31 10.64 1.44
C CYS A 276 -2.69 10.71 -0.04
N VAL A 277 -2.75 11.93 -0.57
CA VAL A 277 -3.16 12.18 -1.95
C VAL A 277 -1.92 12.36 -2.82
N LYS A 278 -1.71 11.47 -3.78
CA LYS A 278 -0.60 11.60 -4.72
C LYS A 278 -0.92 12.68 -5.75
N VAL A 279 -0.01 13.64 -5.92
CA VAL A 279 -0.09 14.61 -7.01
C VAL A 279 1.16 14.45 -7.88
N ASP A 280 1.16 13.44 -8.77
CA ASP A 280 2.40 12.99 -9.39
C ASP A 280 2.30 12.79 -10.89
N GLY A 281 1.19 13.17 -11.52
CA GLY A 281 1.03 12.99 -12.96
C GLY A 281 1.19 11.56 -13.42
N GLY A 282 0.94 10.60 -12.53
CA GLY A 282 1.09 9.20 -12.87
C GLY A 282 2.51 8.66 -12.80
N TYR A 283 3.46 9.40 -12.21
CA TYR A 283 4.84 8.93 -12.22
C TYR A 283 4.99 7.64 -11.43
N SER A 284 4.23 7.49 -10.34
CA SER A 284 4.32 6.30 -9.51
C SER A 284 3.77 5.07 -10.21
N LEU A 285 3.11 5.24 -11.36
CA LEU A 285 2.66 4.12 -12.15
C LEU A 285 3.75 3.53 -13.03
N THR A 286 4.91 4.19 -13.11
CA THR A 286 5.93 3.79 -14.07
C THR A 286 6.86 2.73 -13.46
N ARG A 287 7.62 2.08 -14.34
CA ARG A 287 8.62 1.09 -13.96
C ARG A 287 9.83 1.31 -14.86
N ALA A 288 10.96 0.75 -14.45
CA ALA A 288 12.19 0.92 -15.23
C ALA A 288 12.09 0.12 -16.53
N THR B 5 31.50 -22.30 4.27
CA THR B 5 30.89 -23.07 5.36
C THR B 5 30.88 -22.26 6.65
N VAL B 6 29.87 -22.52 7.50
CA VAL B 6 29.62 -21.80 8.74
C VAL B 6 29.26 -20.33 8.45
N PRO B 7 28.10 -20.04 7.87
CA PRO B 7 27.68 -18.64 7.75
C PRO B 7 27.40 -18.06 9.13
N VAL B 8 27.41 -16.74 9.20
CA VAL B 8 27.27 -16.02 10.46
C VAL B 8 26.06 -15.11 10.36
N ALA B 9 25.20 -15.14 11.38
CA ALA B 9 24.07 -14.24 11.51
C ALA B 9 24.27 -13.33 12.71
N LEU B 10 23.89 -12.07 12.55
CA LEU B 10 23.78 -11.13 13.65
C LEU B 10 22.30 -10.87 13.88
N VAL B 11 21.84 -11.13 15.10
CA VAL B 11 20.45 -10.88 15.46
C VAL B 11 20.42 -9.88 16.61
N THR B 12 19.83 -8.72 16.38
CA THR B 12 19.72 -7.75 17.47
C THR B 12 18.52 -8.08 18.35
N GLY B 13 18.65 -7.76 19.63
CA GLY B 13 17.59 -8.10 20.58
C GLY B 13 17.28 -9.58 20.61
N ALA B 14 18.30 -10.42 20.58
CA ALA B 14 18.14 -11.86 20.37
C ALA B 14 17.84 -12.64 21.65
N ALA B 15 17.74 -11.99 22.80
CA ALA B 15 17.77 -12.72 24.06
C ALA B 15 16.45 -13.44 24.35
N LYS B 16 15.32 -12.89 23.90
CA LYS B 16 14.02 -13.40 24.30
C LYS B 16 13.07 -13.36 23.12
N ARG B 17 11.91 -13.99 23.31
CA ARG B 17 10.72 -13.86 22.46
C ARG B 17 11.11 -14.08 20.99
N LEU B 18 10.66 -13.23 20.07
CA LEU B 18 10.86 -13.49 18.65
C LEU B 18 12.36 -13.54 18.30
N GLY B 19 13.16 -12.66 18.89
CA GLY B 19 14.56 -12.63 18.53
C GLY B 19 15.32 -13.88 18.97
N ARG B 20 14.97 -14.42 20.15
CA ARG B 20 15.53 -15.71 20.52
C ARG B 20 15.12 -16.79 19.53
N SER B 21 13.85 -16.77 19.12
CA SER B 21 13.37 -17.76 18.17
C SER B 21 14.08 -17.64 16.83
N ILE B 22 14.34 -16.41 16.38
CA ILE B 22 15.05 -16.21 15.13
C ILE B 22 16.48 -16.76 15.21
N ALA B 23 17.19 -16.42 16.29
CA ALA B 23 18.54 -16.92 16.48
C ALA B 23 18.57 -18.45 16.53
N GLU B 24 17.59 -19.05 17.19
CA GLU B 24 17.53 -20.51 17.25
C GLU B 24 17.29 -21.11 15.87
N GLY B 25 16.31 -20.57 15.12
CA GLY B 25 16.03 -21.11 13.80
C GLY B 25 17.21 -20.98 12.86
N LEU B 26 17.93 -19.87 12.94
CA LEU B 26 19.15 -19.71 12.16
C LEU B 26 20.24 -20.68 12.61
N HIS B 27 20.44 -20.79 13.93
CA HIS B 27 21.41 -21.75 14.44
C HIS B 27 21.08 -23.17 13.97
N ALA B 28 19.78 -23.53 13.96
CA ALA B 28 19.37 -24.86 13.52
C ALA B 28 19.63 -25.09 12.03
N GLU B 29 19.80 -24.04 11.25
CA GLU B 29 20.12 -24.21 9.84
C GLU B 29 21.62 -24.26 9.59
N GLY B 30 22.44 -24.18 10.63
CA GLY B 30 23.89 -24.28 10.53
C GLY B 30 24.63 -22.98 10.79
N TYR B 31 23.91 -21.88 10.97
CA TYR B 31 24.55 -20.58 11.20
C TYR B 31 25.22 -20.52 12.56
N ALA B 32 26.39 -19.88 12.60
CA ALA B 32 26.86 -19.27 13.84
C ALA B 32 26.09 -17.98 14.05
N VAL B 33 25.80 -17.66 15.31
CA VAL B 33 24.91 -16.54 15.61
C VAL B 33 25.58 -15.59 16.59
N CYS B 34 25.48 -14.28 16.32
CA CYS B 34 25.91 -13.25 17.25
C CYS B 34 24.66 -12.67 17.90
N LEU B 35 24.44 -12.99 19.18
CA LEU B 35 23.23 -12.60 19.89
C LEU B 35 23.43 -11.22 20.50
N HIS B 36 22.83 -10.20 19.91
CA HIS B 36 22.87 -8.89 20.54
C HIS B 36 21.81 -8.81 21.63
N TYR B 37 22.14 -8.07 22.68
CA TYR B 37 21.19 -7.83 23.76
C TYR B 37 21.55 -6.48 24.35
N HIS B 38 20.58 -5.88 25.05
CA HIS B 38 20.78 -4.61 25.73
C HIS B 38 20.82 -4.84 27.24
N ARG B 39 19.65 -5.08 27.84
CA ARG B 39 19.53 -5.28 29.28
C ARG B 39 19.36 -6.73 29.70
N SER B 40 19.13 -7.65 28.77
CA SER B 40 18.82 -9.04 29.13
C SER B 40 20.08 -9.90 29.03
N ALA B 41 21.02 -9.59 29.92
CA ALA B 41 22.29 -10.31 29.92
C ALA B 41 22.13 -11.76 30.33
N ALA B 42 21.23 -12.03 31.29
CA ALA B 42 21.06 -13.39 31.77
C ALA B 42 20.53 -14.30 30.67
N GLU B 43 19.41 -13.90 30.05
CA GLU B 43 18.77 -14.74 29.04
C GLU B 43 19.67 -14.91 27.82
N ALA B 44 20.41 -13.87 27.45
CA ALA B 44 21.29 -13.96 26.30
C ALA B 44 22.45 -14.91 26.57
N ASN B 45 23.00 -14.88 27.78
CA ASN B 45 24.07 -15.81 28.14
C ASN B 45 23.54 -17.23 28.29
N ALA B 46 22.29 -17.38 28.74
CA ALA B 46 21.68 -18.70 28.82
C ALA B 46 21.45 -19.29 27.44
N LEU B 47 20.92 -18.49 26.51
CA LEU B 47 20.73 -18.98 25.14
C LEU B 47 22.06 -19.36 24.50
N SER B 48 23.08 -18.50 24.67
CA SER B 48 24.40 -18.79 24.12
C SER B 48 24.91 -20.13 24.61
N ALA B 49 24.72 -20.42 25.91
CA ALA B 49 25.12 -21.71 26.45
C ALA B 49 24.41 -22.85 25.74
N THR B 50 23.11 -22.71 25.53
CA THR B 50 22.35 -23.78 24.88
C THR B 50 22.88 -24.04 23.48
N LEU B 51 23.10 -22.99 22.69
CA LEU B 51 23.52 -23.16 21.30
C LEU B 51 24.98 -23.61 21.21
N ASN B 52 25.84 -23.13 22.11
CA ASN B 52 27.22 -23.59 22.11
C ASN B 52 27.32 -25.04 22.59
N ALA B 53 26.41 -25.46 23.46
CA ALA B 53 26.36 -26.87 23.85
C ALA B 53 26.00 -27.76 22.67
N ARG B 54 25.16 -27.28 21.76
CA ARG B 54 24.87 -28.04 20.55
C ARG B 54 26.03 -27.97 19.57
N ARG B 55 26.67 -26.82 19.45
CA ARG B 55 27.77 -26.66 18.51
C ARG B 55 28.80 -25.71 19.11
N PRO B 56 29.97 -26.20 19.48
CA PRO B 56 30.96 -25.31 20.13
C PRO B 56 31.35 -24.16 19.22
N ASN B 57 31.56 -23.00 19.84
CA ASN B 57 31.92 -21.77 19.13
C ASN B 57 30.93 -21.45 18.01
N SER B 58 29.64 -21.64 18.30
CA SER B 58 28.58 -21.31 17.34
C SER B 58 27.70 -20.18 17.80
N ALA B 59 27.91 -19.63 19.00
CA ALA B 59 27.16 -18.47 19.45
C ALA B 59 28.04 -17.60 20.34
N ILE B 60 27.87 -16.29 20.21
CA ILE B 60 28.48 -15.29 21.09
C ILE B 60 27.42 -14.26 21.42
N THR B 61 27.70 -13.46 22.45
CA THR B 61 26.84 -12.35 22.85
C THR B 61 27.60 -11.03 22.81
N VAL B 62 26.89 -9.96 22.45
CA VAL B 62 27.44 -8.62 22.45
CA VAL B 62 27.45 -8.62 22.49
C VAL B 62 26.38 -7.68 23.00
N GLN B 63 26.78 -6.73 23.84
CA GLN B 63 25.86 -5.80 24.46
C GLN B 63 25.98 -4.45 23.78
N ALA B 64 24.83 -3.83 23.52
CA ALA B 64 24.83 -2.48 22.96
C ALA B 64 23.48 -1.85 23.24
N ASP B 65 23.52 -0.57 23.59
CA ASP B 65 22.34 0.27 23.54
C ASP B 65 22.16 0.78 22.11
N LEU B 66 21.01 0.51 21.51
CA LEU B 66 20.70 0.96 20.16
C LEU B 66 19.85 2.21 20.12
N SER B 67 19.65 2.88 21.24
CA SER B 67 19.00 4.19 21.21
C SER B 67 19.91 5.21 20.53
N ASN B 68 19.29 6.22 19.90
CA ASN B 68 20.05 7.25 19.20
C ASN B 68 20.61 8.23 20.22
N VAL B 69 21.55 7.74 21.02
CA VAL B 69 22.25 8.54 22.02
C VAL B 69 23.72 8.17 22.02
N ALA B 70 24.56 9.11 22.46
CA ALA B 70 25.96 8.80 22.70
C ALA B 70 26.14 8.19 24.08
N THR B 71 27.11 7.29 24.19
CA THR B 71 27.46 6.62 25.43
C THR B 71 28.89 6.97 25.81
N ALA B 72 29.38 6.34 26.87
CA ALA B 72 30.69 6.57 27.45
C ALA B 72 31.47 5.25 27.51
N PRO B 73 32.81 5.30 27.64
CA PRO B 73 33.65 4.08 27.60
C PRO B 73 33.26 2.99 28.61
N ALA B 81 36.14 10.37 24.90
CA ALA B 81 35.14 10.89 23.97
C ALA B 81 33.87 10.03 24.02
N PRO B 82 32.72 10.64 23.75
CA PRO B 82 31.47 9.87 23.74
C PRO B 82 31.37 8.99 22.50
N VAL B 83 30.74 7.83 22.66
CA VAL B 83 30.63 6.83 21.62
C VAL B 83 29.29 7.00 20.92
N THR B 84 29.32 7.28 19.62
CA THR B 84 28.06 7.54 18.94
C THR B 84 27.35 6.23 18.62
N LEU B 85 26.04 6.33 18.38
CA LEU B 85 25.28 5.15 17.98
C LEU B 85 25.88 4.49 16.75
N PHE B 86 26.33 5.28 15.78
CA PHE B 86 26.82 4.67 14.55
C PHE B 86 28.03 3.77 14.81
N THR B 87 28.94 4.19 15.68
CA THR B 87 30.10 3.34 15.92
C THR B 87 29.74 2.16 16.81
N ARG B 88 28.70 2.26 17.63
CA ARG B 88 28.24 1.08 18.36
C ARG B 88 27.68 0.05 17.40
N CYS B 89 26.98 0.49 16.35
CA CYS B 89 26.47 -0.43 15.34
C CYS B 89 27.61 -0.98 14.49
N ALA B 90 28.56 -0.13 14.10
CA ALA B 90 29.72 -0.63 13.39
C ALA B 90 30.42 -1.70 14.20
N GLU B 91 30.58 -1.49 15.50
CA GLU B 91 31.26 -2.45 16.36
C GLU B 91 30.49 -3.76 16.49
N LEU B 92 29.16 -3.71 16.41
CA LEU B 92 28.36 -4.94 16.45
C LEU B 92 28.62 -5.81 15.22
N VAL B 93 28.59 -5.21 14.02
CA VAL B 93 28.97 -5.96 12.84
C VAL B 93 30.42 -6.40 12.93
N ALA B 94 31.29 -5.53 13.45
CA ALA B 94 32.71 -5.87 13.56
C ALA B 94 32.94 -7.11 14.41
N ALA B 95 32.08 -7.36 15.39
CA ALA B 95 32.26 -8.50 16.28
C ALA B 95 32.09 -9.83 15.55
N CYS B 96 31.32 -9.84 14.46
CA CYS B 96 31.16 -11.04 13.65
C CYS B 96 32.42 -11.32 12.82
N TYR B 97 32.97 -10.30 12.19
CA TYR B 97 34.17 -10.52 11.38
C TYR B 97 35.38 -10.79 12.26
N THR B 98 35.45 -10.16 13.43
CA THR B 98 36.55 -10.43 14.35
CA THR B 98 36.55 -10.43 14.35
C THR B 98 36.52 -11.88 14.82
N HIS B 99 35.36 -12.36 15.24
CA HIS B 99 35.26 -13.71 15.79
C HIS B 99 35.29 -14.77 14.71
N TRP B 100 34.52 -14.59 13.63
CA TRP B 100 34.31 -15.65 12.64
C TRP B 100 34.74 -15.28 11.24
N GLY B 101 35.17 -14.04 11.01
CA GLY B 101 35.60 -13.64 9.69
C GLY B 101 34.49 -13.38 8.69
N ARG B 102 33.24 -13.27 9.13
CA ARG B 102 32.16 -12.99 8.19
C ARG B 102 30.93 -12.47 8.91
N CYS B 103 29.95 -12.09 8.11
CA CYS B 103 28.60 -11.75 8.57
C CYS B 103 27.73 -11.87 7.34
N ASP B 104 26.93 -12.93 7.25
CA ASP B 104 26.11 -13.19 6.06
C ASP B 104 24.68 -12.71 6.22
N VAL B 105 24.19 -12.64 7.45
CA VAL B 105 22.79 -12.33 7.73
C VAL B 105 22.76 -11.29 8.84
N LEU B 106 21.92 -10.27 8.68
CA LEU B 106 21.66 -9.32 9.76
C LEU B 106 20.16 -9.29 9.96
N VAL B 107 19.72 -9.44 11.20
CA VAL B 107 18.29 -9.36 11.52
C VAL B 107 18.09 -8.19 12.48
N ASN B 108 17.40 -7.16 11.99
CA ASN B 108 17.06 -5.97 12.76
C ASN B 108 15.76 -6.26 13.50
N ASN B 109 15.90 -6.87 14.67
CA ASN B 109 14.78 -7.31 15.48
C ASN B 109 14.56 -6.48 16.75
N ALA B 110 15.63 -5.94 17.35
CA ALA B 110 15.49 -5.20 18.59
C ALA B 110 14.59 -3.99 18.42
N SER B 111 13.75 -3.72 19.44
CA SER B 111 12.71 -2.71 19.28
C SER B 111 12.10 -2.28 20.61
N SER B 112 12.16 -1.00 20.96
CA SER B 112 11.36 -0.52 22.09
CA SER B 112 11.36 -0.50 22.09
C SER B 112 9.93 -0.25 21.62
N PHE B 113 8.99 -0.32 22.54
CA PHE B 113 7.57 -0.25 22.19
C PHE B 113 6.81 0.18 23.43
N TYR B 114 6.39 1.44 23.49
CA TYR B 114 5.54 1.95 24.55
C TYR B 114 4.85 3.21 24.05
N PRO B 115 3.77 3.65 24.70
CA PRO B 115 3.00 4.80 24.17
C PRO B 115 3.78 6.09 24.20
N THR B 116 3.54 6.92 23.17
CA THR B 116 3.95 8.33 23.14
C THR B 116 2.72 9.16 22.79
N PRO B 117 1.81 9.39 23.73
CA PRO B 117 0.52 10.00 23.38
C PRO B 117 0.68 11.42 22.88
N LEU B 118 -0.21 11.80 21.96
CA LEU B 118 -0.28 13.19 21.52
C LEU B 118 -1.04 14.04 22.53
N LEU B 119 -2.06 13.49 23.18
CA LEU B 119 -2.90 14.22 24.12
C LEU B 119 -2.56 13.84 25.54
N ARG B 120 -2.61 14.83 26.44
CA ARG B 120 -2.17 14.71 27.83
C ARG B 120 -2.74 13.50 28.57
N ARG B 133 10.22 17.19 30.68
CA ARG B 133 10.18 16.89 29.25
C ARG B 133 11.29 15.92 28.92
N GLU B 134 12.02 15.51 29.96
CA GLU B 134 13.05 14.50 29.80
C GLU B 134 12.47 13.20 29.24
N ALA B 135 11.21 12.92 29.55
CA ALA B 135 10.57 11.71 29.03
C ALA B 135 10.43 11.79 27.51
N MET B 136 9.94 12.91 26.99
CA MET B 136 9.73 13.01 25.55
C MET B 136 11.06 12.94 24.80
N GLU B 137 12.11 13.56 25.34
CA GLU B 137 13.41 13.57 24.67
C GLU B 137 13.99 12.17 24.58
N THR B 138 14.00 11.44 25.71
CA THR B 138 14.59 10.11 25.70
C THR B 138 13.71 9.09 24.98
N ALA B 139 12.38 9.30 24.97
CA ALA B 139 11.51 8.43 24.18
C ALA B 139 11.86 8.51 22.71
N THR B 140 12.18 9.70 22.23
CA THR B 140 12.34 9.86 20.79
C THR B 140 13.62 9.19 20.32
N ALA B 141 14.73 9.39 21.05
CA ALA B 141 15.98 8.73 20.70
C ALA B 141 15.87 7.21 20.83
N ASP B 142 15.14 6.75 21.86
CA ASP B 142 15.07 5.33 22.14
C ASP B 142 14.27 4.61 21.06
N LEU B 143 13.09 5.13 20.77
CA LEU B 143 12.17 4.44 19.88
C LEU B 143 12.65 4.51 18.44
N PHE B 144 13.13 5.69 18.02
CA PHE B 144 13.60 5.86 16.65
C PHE B 144 14.97 5.25 16.43
N GLY B 145 15.88 5.39 17.40
CA GLY B 145 17.15 4.69 17.31
C GLY B 145 16.96 3.19 17.15
N SER B 146 16.21 2.58 18.07
CA SER B 146 16.18 1.14 18.08
C SER B 146 15.42 0.60 16.87
N ASN B 147 14.34 1.25 16.49
CA ASN B 147 13.48 0.74 15.43
C ASN B 147 13.90 1.19 14.05
N ALA B 148 14.77 2.20 13.92
CA ALA B 148 15.01 2.80 12.62
C ALA B 148 16.46 3.22 12.39
N ILE B 149 17.01 4.07 13.26
CA ILE B 149 18.30 4.67 12.97
C ILE B 149 19.41 3.64 13.14
N ALA B 150 19.32 2.80 14.16
CA ALA B 150 20.37 1.81 14.35
C ALA B 150 20.29 0.80 13.19
N PRO B 151 19.08 0.36 12.80
CA PRO B 151 18.99 -0.39 11.54
C PRO B 151 19.68 0.25 10.36
N TYR B 152 19.44 1.56 10.12
CA TYR B 152 20.19 2.26 9.09
C TYR B 152 21.70 2.05 9.26
N PHE B 153 22.23 2.38 10.44
CA PHE B 153 23.67 2.27 10.67
C PHE B 153 24.18 0.84 10.53
N LEU B 154 23.43 -0.13 11.04
CA LEU B 154 23.84 -1.52 10.94
C LEU B 154 23.90 -1.99 9.50
N ILE B 155 22.92 -1.61 8.69
CA ILE B 155 22.93 -1.99 7.28
C ILE B 155 24.14 -1.36 6.60
N LYS B 156 24.39 -0.07 6.87
CA LYS B 156 25.56 0.59 6.33
C LYS B 156 26.84 -0.19 6.68
N ALA B 157 26.95 -0.61 7.94
CA ALA B 157 28.13 -1.33 8.39
C ALA B 157 28.23 -2.70 7.72
N PHE B 158 27.11 -3.41 7.66
CA PHE B 158 27.05 -4.71 7.01
C PHE B 158 27.43 -4.62 5.53
N ALA B 159 26.90 -3.61 4.84
CA ALA B 159 27.15 -3.47 3.41
C ALA B 159 28.57 -2.99 3.14
N HIS B 160 29.08 -2.09 3.98
CA HIS B 160 30.47 -1.69 3.86
C HIS B 160 31.40 -2.89 3.95
N ARG B 161 31.06 -3.88 4.78
CA ARG B 161 31.98 -4.99 4.98
C ARG B 161 31.96 -5.93 3.79
N VAL B 162 30.78 -6.16 3.21
CA VAL B 162 30.70 -6.93 1.97
C VAL B 162 31.49 -6.23 0.88
N ALA B 163 31.30 -4.92 0.74
CA ALA B 163 32.04 -4.17 -0.28
C ALA B 163 33.55 -4.27 -0.08
N GLY B 164 34.00 -4.23 1.17
CA GLY B 164 35.42 -4.36 1.48
C GLY B 164 35.97 -5.76 1.39
N THR B 165 35.13 -6.71 1.13
CA THR B 165 35.58 -8.09 0.94
C THR B 165 35.85 -8.32 -0.54
N PRO B 166 37.01 -8.87 -0.91
CA PRO B 166 37.23 -9.24 -2.31
C PRO B 166 36.14 -10.18 -2.78
N ALA B 167 35.74 -10.02 -4.04
CA ALA B 167 34.60 -10.78 -4.57
C ALA B 167 34.80 -12.28 -4.42
N LYS B 168 36.04 -12.76 -4.65
CA LYS B 168 36.31 -14.19 -4.49
C LYS B 168 35.93 -14.70 -3.10
N HIS B 169 36.03 -13.86 -2.07
CA HIS B 169 35.83 -14.26 -0.70
C HIS B 169 34.43 -13.95 -0.16
N ARG B 170 33.59 -13.27 -0.93
CA ARG B 170 32.25 -12.96 -0.46
C ARG B 170 31.42 -14.23 -0.35
N GLY B 171 30.49 -14.23 0.60
CA GLY B 171 29.52 -15.29 0.70
C GLY B 171 28.51 -15.25 -0.45
N THR B 172 27.73 -16.32 -0.55
CA THR B 172 26.85 -16.50 -1.69
C THR B 172 25.39 -16.22 -1.37
N ASN B 173 25.10 -15.71 -0.18
CA ASN B 173 23.71 -15.58 0.25
C ASN B 173 23.57 -14.55 1.36
N TYR B 174 23.84 -13.29 1.04
CA TYR B 174 23.69 -12.21 2.01
C TYR B 174 22.22 -11.85 2.12
N SER B 175 21.73 -11.73 3.36
CA SER B 175 20.31 -11.50 3.58
C SER B 175 20.12 -10.65 4.82
N ILE B 176 19.37 -9.56 4.68
CA ILE B 176 19.04 -8.68 5.79
C ILE B 176 17.52 -8.75 5.99
N ILE B 177 17.10 -8.94 7.24
CA ILE B 177 15.67 -8.95 7.58
C ILE B 177 15.40 -7.84 8.58
N ASN B 178 14.39 -7.03 8.28
CA ASN B 178 13.92 -5.98 9.18
C ASN B 178 12.57 -6.41 9.76
N MET B 179 12.47 -6.45 11.08
CA MET B 179 11.21 -6.81 11.72
C MET B 179 10.34 -5.57 11.76
N VAL B 180 9.29 -5.56 10.95
CA VAL B 180 8.40 -4.42 10.84
C VAL B 180 7.08 -4.77 11.52
N ASP B 181 5.97 -4.21 11.03
CA ASP B 181 4.69 -4.38 11.71
C ASP B 181 3.59 -4.58 10.68
N ALA B 182 2.91 -5.72 10.76
CA ALA B 182 1.81 -5.98 9.82
C ALA B 182 0.74 -4.88 9.85
N MET B 183 0.55 -4.25 11.02
CA MET B 183 -0.58 -3.37 11.25
C MET B 183 -0.25 -1.90 10.98
N THR B 184 0.72 -1.63 10.11
CA THR B 184 1.23 -0.28 9.93
C THR B 184 0.14 0.69 9.45
N ASN B 185 -0.72 0.27 8.51
CA ASN B 185 -1.77 1.15 8.01
C ASN B 185 -2.91 1.35 9.01
N GLN B 186 -2.92 0.59 10.10
CA GLN B 186 -3.95 0.64 11.14
C GLN B 186 -3.27 0.89 12.48
N PRO B 187 -2.93 2.14 12.79
CA PRO B 187 -2.02 2.41 13.91
C PRO B 187 -2.65 2.11 15.26
N LEU B 188 -1.80 1.74 16.21
CA LEU B 188 -2.24 1.51 17.57
C LEU B 188 -2.33 2.86 18.27
N LEU B 189 -3.49 3.15 18.85
CA LEU B 189 -3.77 4.46 19.42
C LEU B 189 -2.74 4.83 20.50
N GLY B 190 -2.09 5.98 20.32
CA GLY B 190 -1.16 6.48 21.32
C GLY B 190 0.27 6.05 21.14
N TYR B 191 0.60 5.38 20.02
CA TYR B 191 1.95 4.87 19.79
C TYR B 191 2.61 5.54 18.59
N THR B 192 2.60 6.87 18.55
CA THR B 192 2.94 7.56 17.31
C THR B 192 4.40 7.38 16.96
N ILE B 193 5.31 7.58 17.91
CA ILE B 193 6.74 7.45 17.61
C ILE B 193 7.09 6.05 17.12
N TYR B 194 6.57 5.04 17.81
CA TYR B 194 6.74 3.66 17.35
C TYR B 194 6.25 3.48 15.92
N THR B 195 5.06 4.00 15.60
CA THR B 195 4.48 3.79 14.28
C THR B 195 5.30 4.51 13.23
N MET B 196 5.78 5.71 13.58
CA MET B 196 6.67 6.43 12.68
CA MET B 196 6.66 6.43 12.67
C MET B 196 7.95 5.65 12.43
N ALA B 197 8.52 5.08 13.50
CA ALA B 197 9.77 4.36 13.37
C ALA B 197 9.60 3.11 12.51
N LYS B 198 8.49 2.37 12.68
CA LYS B 198 8.26 1.21 11.82
C LYS B 198 8.01 1.63 10.37
N GLY B 199 7.41 2.80 10.16
CA GLY B 199 7.29 3.32 8.80
C GLY B 199 8.64 3.65 8.20
N ALA B 200 9.55 4.21 9.00
CA ALA B 200 10.90 4.48 8.50
C ALA B 200 11.61 3.18 8.19
N LEU B 201 11.38 2.17 9.02
CA LEU B 201 11.99 0.85 8.81
C LEU B 201 11.51 0.21 7.50
N GLU B 202 10.24 0.35 7.17
CA GLU B 202 9.79 -0.11 5.86
C GLU B 202 10.46 0.66 4.73
N GLY B 203 10.70 1.96 4.94
CA GLY B 203 11.38 2.74 3.93
C GLY B 203 12.82 2.30 3.78
N LEU B 204 13.45 1.96 4.90
CA LEU B 204 14.82 1.46 4.87
C LEU B 204 14.89 0.14 4.10
N THR B 205 13.90 -0.72 4.30
CA THR B 205 13.86 -2.01 3.62
C THR B 205 13.86 -1.83 2.11
N ARG B 206 13.00 -0.95 1.60
CA ARG B 206 12.92 -0.74 0.17
C ARG B 206 14.18 -0.07 -0.36
N SER B 207 14.66 0.95 0.34
CA SER B 207 15.80 1.73 -0.14
C SER B 207 17.06 0.88 -0.15
N ALA B 208 17.33 0.18 0.95
CA ALA B 208 18.53 -0.65 1.00
C ALA B 208 18.45 -1.78 -0.01
N ALA B 209 17.27 -2.36 -0.21
CA ALA B 209 17.12 -3.41 -1.21
C ALA B 209 17.56 -2.91 -2.57
N LEU B 210 17.06 -1.74 -2.98
CA LEU B 210 17.46 -1.18 -4.25
C LEU B 210 18.96 -0.94 -4.29
N GLU B 211 19.49 -0.28 -3.26
CA GLU B 211 20.86 0.20 -3.34
C GLU B 211 21.87 -0.94 -3.23
N LEU B 212 21.53 -2.00 -2.52
CA LEU B 212 22.47 -3.08 -2.26
C LEU B 212 22.28 -4.27 -3.20
N ALA B 213 21.30 -4.21 -4.08
CA ALA B 213 21.12 -5.25 -5.10
C ALA B 213 22.39 -5.57 -5.90
N PRO B 214 23.24 -4.61 -6.30
CA PRO B 214 24.44 -5.00 -7.08
C PRO B 214 25.44 -5.82 -6.29
N LEU B 215 25.42 -5.72 -4.96
CA LEU B 215 26.20 -6.60 -4.11
C LEU B 215 25.49 -7.91 -3.82
N GLN B 216 24.30 -8.13 -4.39
CA GLN B 216 23.48 -9.32 -4.14
C GLN B 216 23.10 -9.44 -2.66
N ILE B 217 23.01 -8.31 -1.96
CA ILE B 217 22.46 -8.29 -0.61
C ILE B 217 20.96 -8.08 -0.72
N ARG B 218 20.19 -9.06 -0.25
CA ARG B 218 18.75 -8.93 -0.22
C ARG B 218 18.34 -8.29 1.10
N VAL B 219 17.29 -7.49 1.05
CA VAL B 219 16.79 -6.79 2.23
C VAL B 219 15.28 -6.94 2.22
N ASN B 220 14.74 -7.61 3.24
CA ASN B 220 13.29 -7.81 3.27
C ASN B 220 12.77 -7.54 4.66
N GLY B 221 11.45 -7.40 4.75
CA GLY B 221 10.78 -7.18 6.01
C GLY B 221 9.86 -8.33 6.34
N VAL B 222 9.70 -8.61 7.64
CA VAL B 222 8.72 -9.54 8.15
C VAL B 222 7.90 -8.81 9.20
N GLY B 223 6.58 -8.87 9.07
CA GLY B 223 5.69 -8.07 9.88
C GLY B 223 4.71 -8.90 10.70
N PRO B 224 5.01 -9.08 11.99
CA PRO B 224 4.05 -9.77 12.86
C PRO B 224 2.82 -8.91 13.10
N GLY B 225 1.70 -9.57 13.42
CA GLY B 225 0.49 -8.89 13.84
C GLY B 225 0.44 -8.84 15.35
N LEU B 226 -0.17 -9.85 15.97
CA LEU B 226 -0.05 -10.07 17.41
C LEU B 226 0.74 -11.35 17.61
N SER B 227 1.87 -11.27 18.30
CA SER B 227 2.74 -12.41 18.55
C SER B 227 3.15 -12.42 20.02
N VAL B 228 3.10 -13.60 20.62
CA VAL B 228 3.45 -13.85 22.03
C VAL B 228 3.00 -12.67 22.90
N LEU B 229 1.69 -12.42 22.89
CA LEU B 229 1.09 -11.24 23.53
C LEU B 229 1.31 -11.25 25.03
N VAL B 230 1.91 -10.17 25.55
CA VAL B 230 2.03 -10.02 26.99
C VAL B 230 0.64 -9.87 27.61
N ASP B 231 0.44 -10.53 28.73
CA ASP B 231 -0.89 -10.60 29.33
C ASP B 231 -0.93 -9.95 30.71
N ASP B 232 -0.39 -8.72 30.82
CA ASP B 232 -0.43 -7.97 32.07
C ASP B 232 -1.70 -7.09 32.13
N MET B 233 -2.84 -7.77 32.08
CA MET B 233 -4.14 -7.12 32.02
C MET B 233 -5.18 -8.16 32.40
N PRO B 234 -6.41 -7.75 32.73
CA PRO B 234 -7.48 -8.73 33.08
C PRO B 234 -7.63 -9.80 32.02
N PRO B 235 -7.95 -11.04 32.42
CA PRO B 235 -8.03 -12.15 31.44
C PRO B 235 -9.01 -11.91 30.32
N ALA B 236 -10.15 -11.26 30.60
CA ALA B 236 -11.11 -11.00 29.54
C ALA B 236 -10.56 -10.04 28.52
N VAL B 237 -9.73 -9.08 28.96
CA VAL B 237 -9.17 -8.09 28.05
C VAL B 237 -8.16 -8.74 27.12
N TRP B 238 -7.30 -9.61 27.67
CA TRP B 238 -6.31 -10.34 26.88
C TRP B 238 -6.99 -11.28 25.89
N GLU B 239 -7.89 -12.15 26.37
CA GLU B 239 -8.62 -13.02 25.44
C GLU B 239 -9.36 -12.20 24.39
N GLY B 240 -9.94 -11.06 24.79
CA GLY B 240 -10.64 -10.22 23.82
C GLY B 240 -9.72 -9.77 22.70
N HIS B 241 -8.52 -9.31 23.05
CA HIS B 241 -7.52 -8.95 22.06
C HIS B 241 -7.25 -10.09 21.09
N ARG B 242 -6.84 -11.25 21.63
CA ARG B 242 -6.44 -12.36 20.76
C ARG B 242 -7.59 -12.87 19.93
N SER B 243 -8.81 -12.78 20.45
CA SER B 243 -9.96 -13.36 19.76
C SER B 243 -10.22 -12.68 18.43
N LYS B 244 -9.67 -11.47 18.22
CA LYS B 244 -9.92 -10.71 17.01
C LYS B 244 -9.06 -11.16 15.83
N VAL B 245 -8.09 -12.05 16.03
CA VAL B 245 -7.27 -12.52 14.92
C VAL B 245 -8.12 -13.50 14.14
N PRO B 246 -8.42 -13.25 12.86
CA PRO B 246 -9.31 -14.17 12.14
C PRO B 246 -8.81 -15.62 12.15
N LEU B 247 -7.54 -15.85 11.81
CA LEU B 247 -7.00 -17.21 11.76
C LEU B 247 -6.60 -17.65 13.17
N TYR B 248 -7.30 -18.67 13.68
CA TYR B 248 -7.08 -19.35 14.94
C TYR B 248 -7.59 -18.54 16.14
N GLN B 249 -7.93 -17.26 15.99
CA GLN B 249 -8.37 -16.42 17.10
C GLN B 249 -7.35 -16.41 18.23
N ARG B 250 -6.07 -16.35 17.88
CA ARG B 250 -5.00 -16.22 18.86
C ARG B 250 -3.83 -15.46 18.25
N ASP B 251 -2.95 -15.00 19.15
CA ASP B 251 -1.68 -14.44 18.75
C ASP B 251 -0.76 -15.54 18.25
N SER B 252 0.29 -15.16 17.53
CA SER B 252 1.18 -16.20 17.02
C SER B 252 2.16 -16.68 18.11
N SER B 253 2.81 -17.80 17.83
CA SER B 253 3.96 -18.22 18.61
C SER B 253 5.21 -17.51 18.09
N ALA B 254 6.31 -17.65 18.82
CA ALA B 254 7.56 -17.08 18.32
C ALA B 254 8.01 -17.78 17.03
N ALA B 255 7.85 -19.10 16.96
CA ALA B 255 8.29 -19.85 15.79
C ALA B 255 7.45 -19.55 14.56
N GLU B 256 6.16 -19.27 14.74
CA GLU B 256 5.33 -18.97 13.58
C GLU B 256 5.80 -17.72 12.86
N VAL B 257 6.56 -16.87 13.55
CA VAL B 257 7.20 -15.72 12.93
C VAL B 257 8.63 -16.06 12.50
N SER B 258 9.44 -16.64 13.39
CA SER B 258 10.84 -16.85 13.08
C SER B 258 11.04 -17.83 11.93
N ASP B 259 10.13 -18.80 11.75
CA ASP B 259 10.26 -19.73 10.63
C ASP B 259 10.18 -18.99 9.29
N VAL B 260 9.41 -17.89 9.23
CA VAL B 260 9.34 -17.07 8.03
C VAL B 260 10.65 -16.32 7.83
N VAL B 261 11.22 -15.79 8.91
CA VAL B 261 12.51 -15.14 8.82
C VAL B 261 13.53 -16.11 8.23
N ILE B 262 13.57 -17.34 8.76
CA ILE B 262 14.56 -18.31 8.31
C ILE B 262 14.35 -18.68 6.85
N PHE B 263 13.09 -18.71 6.37
CA PHE B 263 12.88 -19.00 4.96
C PHE B 263 13.47 -17.92 4.05
N LEU B 264 13.19 -16.65 4.36
CA LEU B 264 13.65 -15.56 3.53
C LEU B 264 15.18 -15.46 3.51
N CYS B 265 15.85 -15.94 4.56
CA CYS B 265 17.30 -16.02 4.52
C CYS B 265 17.80 -17.21 3.72
N SER B 266 16.96 -18.21 3.53
CA SER B 266 17.38 -19.41 2.84
C SER B 266 17.67 -19.11 1.37
N SER B 267 18.46 -19.98 0.75
CA SER B 267 18.81 -19.76 -0.65
C SER B 267 17.62 -19.90 -1.56
N LYS B 268 16.56 -20.60 -1.14
CA LYS B 268 15.37 -20.73 -1.97
C LYS B 268 14.64 -19.40 -2.13
N ALA B 269 14.88 -18.45 -1.24
CA ALA B 269 14.26 -17.14 -1.31
C ALA B 269 15.12 -16.12 -2.05
N LYS B 270 16.06 -16.59 -2.87
CA LYS B 270 17.11 -15.72 -3.38
C LYS B 270 16.61 -14.67 -4.37
N TYR B 271 15.38 -14.78 -4.88
CA TYR B 271 14.84 -13.78 -5.80
C TYR B 271 13.90 -12.80 -5.12
N ILE B 272 13.76 -12.87 -3.80
CA ILE B 272 12.91 -11.96 -3.05
C ILE B 272 13.78 -10.87 -2.44
N THR B 273 13.46 -9.62 -2.74
CA THR B 273 14.10 -8.48 -2.09
C THR B 273 13.17 -7.28 -2.17
N GLY B 274 13.31 -6.37 -1.21
CA GLY B 274 12.47 -5.20 -1.10
C GLY B 274 11.04 -5.47 -0.68
N THR B 275 10.80 -6.59 -0.03
CA THR B 275 9.45 -7.11 0.14
C THR B 275 9.13 -7.24 1.62
N VAL B 277 6.82 -9.20 4.28
CA VAL B 277 5.91 -10.33 4.42
C VAL B 277 5.15 -10.25 5.74
N LYS B 278 3.82 -10.11 5.65
CA LYS B 278 2.99 -10.11 6.84
C LYS B 278 2.86 -11.52 7.38
N VAL B 279 3.02 -11.66 8.71
CA VAL B 279 2.74 -12.88 9.44
C VAL B 279 1.77 -12.53 10.55
N ASP B 280 0.48 -12.39 10.21
CA ASP B 280 -0.46 -11.75 11.13
C ASP B 280 -1.79 -12.49 11.29
N GLY B 281 -1.93 -13.70 10.74
CA GLY B 281 -3.19 -14.40 10.92
C GLY B 281 -4.41 -13.72 10.33
N GLY B 282 -4.22 -12.77 9.41
CA GLY B 282 -5.32 -12.03 8.81
C GLY B 282 -5.73 -10.79 9.59
N TYR B 283 -5.01 -10.45 10.67
CA TYR B 283 -5.48 -9.37 11.53
C TYR B 283 -5.53 -8.04 10.79
N SER B 284 -4.56 -7.80 9.89
CA SER B 284 -4.60 -6.58 9.09
C SER B 284 -5.81 -6.51 8.16
N LEU B 285 -6.49 -7.63 7.92
CA LEU B 285 -7.73 -7.60 7.14
C LEU B 285 -8.93 -7.07 7.93
N THR B 286 -8.80 -6.87 9.24
CA THR B 286 -9.97 -6.56 10.06
C THR B 286 -10.24 -5.05 10.09
N ARG B 287 -11.45 -4.72 10.53
CA ARG B 287 -11.91 -3.34 10.69
C ARG B 287 -12.68 -3.27 12.00
N ALA B 288 -12.82 -2.07 12.55
CA ALA B 288 -13.56 -1.90 13.79
C ALA B 288 -15.06 -2.07 13.56
N VAL C 6 -19.74 24.94 -22.35
CA VAL C 6 -20.43 24.15 -21.31
C VAL C 6 -20.03 22.68 -21.41
N PRO C 7 -19.29 22.21 -20.42
CA PRO C 7 -18.81 20.82 -20.46
C PRO C 7 -19.91 19.85 -20.05
N VAL C 8 -19.68 18.57 -20.36
CA VAL C 8 -20.67 17.51 -20.20
C VAL C 8 -20.07 16.44 -19.31
N ALA C 9 -20.85 15.97 -18.33
CA ALA C 9 -20.52 14.83 -17.47
C ALA C 9 -21.53 13.73 -17.69
N LEU C 10 -21.04 12.51 -17.87
CA LEU C 10 -21.87 11.31 -17.81
C LEU C 10 -21.67 10.66 -16.44
N VAL C 11 -22.75 10.48 -15.70
CA VAL C 11 -22.72 9.94 -14.34
C VAL C 11 -23.56 8.67 -14.32
N THR C 12 -22.93 7.51 -14.09
CA THR C 12 -23.74 6.30 -14.05
C THR C 12 -24.37 6.14 -12.67
N GLY C 13 -25.54 5.49 -12.63
CA GLY C 13 -26.27 5.32 -11.38
C GLY C 13 -26.56 6.62 -10.67
N ALA C 14 -27.07 7.59 -11.42
CA ALA C 14 -27.15 8.97 -10.97
C ALA C 14 -28.43 9.30 -10.22
N ALA C 15 -29.38 8.38 -10.10
CA ALA C 15 -30.73 8.74 -9.66
C ALA C 15 -30.80 9.07 -8.17
N LYS C 16 -29.94 8.46 -7.36
CA LYS C 16 -30.07 8.58 -5.91
C LYS C 16 -28.69 8.78 -5.28
N ARG C 17 -28.71 9.04 -3.97
CA ARG C 17 -27.59 8.84 -3.04
C ARG C 17 -26.33 9.53 -3.59
N LEU C 18 -25.18 8.85 -3.63
CA LEU C 18 -23.94 9.52 -4.04
C LEU C 18 -23.97 9.95 -5.50
N GLY C 19 -24.48 9.08 -6.36
CA GLY C 19 -24.54 9.42 -7.77
C GLY C 19 -25.35 10.68 -8.03
N ARG C 20 -26.51 10.80 -7.37
CA ARG C 20 -27.27 12.03 -7.50
C ARG C 20 -26.50 13.22 -6.96
N SER C 21 -25.74 13.03 -5.86
CA SER C 21 -25.01 14.18 -5.32
C SER C 21 -23.85 14.56 -6.22
N ILE C 22 -23.22 13.59 -6.87
CA ILE C 22 -22.18 13.88 -7.85
C ILE C 22 -22.76 14.69 -9.01
N ALA C 23 -23.90 14.24 -9.55
CA ALA C 23 -24.54 14.97 -10.64
C ALA C 23 -24.88 16.39 -10.23
N GLU C 24 -25.47 16.55 -9.03
CA GLU C 24 -25.78 17.89 -8.53
C GLU C 24 -24.51 18.72 -8.39
N GLY C 25 -23.45 18.12 -7.84
CA GLY C 25 -22.22 18.87 -7.65
C GLY C 25 -21.60 19.32 -8.95
N LEU C 26 -21.59 18.44 -9.94
CA LEU C 26 -21.04 18.80 -11.23
C LEU C 26 -21.91 19.85 -11.90
N HIS C 27 -23.23 19.65 -11.86
CA HIS C 27 -24.16 20.62 -12.44
C HIS C 27 -23.94 22.01 -11.86
N ALA C 28 -23.68 22.11 -10.56
CA ALA C 28 -23.48 23.39 -9.90
C ALA C 28 -22.19 24.08 -10.34
N GLU C 29 -21.23 23.34 -10.87
CA GLU C 29 -20.05 23.93 -11.46
C GLU C 29 -20.23 24.32 -12.92
N GLY C 30 -21.42 24.10 -13.48
CA GLY C 30 -21.73 24.50 -14.85
C GLY C 30 -21.88 23.36 -15.83
N TYR C 31 -21.58 22.13 -15.44
CA TYR C 31 -21.67 20.99 -16.33
C TYR C 31 -23.11 20.74 -16.79
N ALA C 32 -23.26 20.34 -18.05
CA ALA C 32 -24.45 19.59 -18.44
C ALA C 32 -24.23 18.14 -18.01
N VAL C 33 -25.27 17.49 -17.52
CA VAL C 33 -25.09 16.17 -16.92
C VAL C 33 -26.01 15.15 -17.60
N CYS C 34 -25.45 14.02 -18.00
CA CYS C 34 -26.20 12.88 -18.50
C CYS C 34 -26.41 11.92 -17.33
N LEU C 35 -27.67 11.76 -16.93
CA LEU C 35 -28.03 10.99 -15.74
C LEU C 35 -28.39 9.58 -16.18
N HIS C 36 -27.51 8.63 -15.88
CA HIS C 36 -27.77 7.24 -16.22
C HIS C 36 -28.57 6.59 -15.10
N TYR C 37 -29.48 5.70 -15.46
CA TYR C 37 -30.18 4.91 -14.46
C TYR C 37 -30.46 3.53 -15.01
N HIS C 38 -30.79 2.61 -14.10
CA HIS C 38 -31.22 1.28 -14.47
C HIS C 38 -32.69 1.10 -14.09
N ARG C 39 -33.00 1.01 -12.79
CA ARG C 39 -34.37 0.81 -12.37
C ARG C 39 -35.05 2.07 -11.86
N SER C 40 -34.29 3.13 -11.53
CA SER C 40 -34.87 4.28 -10.83
C SER C 40 -35.26 5.38 -11.81
N ALA C 41 -36.10 5.02 -12.78
CA ALA C 41 -36.51 5.96 -13.82
C ALA C 41 -37.20 7.19 -13.22
N ALA C 42 -38.08 6.99 -12.24
CA ALA C 42 -38.81 8.13 -11.67
C ALA C 42 -37.86 9.07 -10.95
N GLU C 43 -36.93 8.52 -10.16
CA GLU C 43 -35.97 9.35 -9.45
C GLU C 43 -35.04 10.08 -10.41
N ALA C 44 -34.62 9.41 -11.49
CA ALA C 44 -33.72 10.04 -12.46
C ALA C 44 -34.42 11.18 -13.19
N ASN C 45 -35.67 10.96 -13.59
CA ASN C 45 -36.37 11.99 -14.35
C ASN C 45 -36.78 13.16 -13.46
N ALA C 46 -37.07 12.92 -12.18
CA ALA C 46 -37.32 14.04 -11.27
C ALA C 46 -36.07 14.87 -11.06
N LEU C 47 -34.90 14.21 -10.92
CA LEU C 47 -33.64 14.94 -10.80
C LEU C 47 -33.37 15.77 -12.05
N SER C 48 -33.56 15.17 -13.22
CA SER C 48 -33.38 15.87 -14.48
C SER C 48 -34.29 17.09 -14.56
N ALA C 49 -35.55 16.94 -14.14
CA ALA C 49 -36.47 18.07 -14.13
C ALA C 49 -35.95 19.20 -13.25
N THR C 50 -35.39 18.86 -12.10
CA THR C 50 -34.88 19.87 -11.18
C THR C 50 -33.73 20.64 -11.81
N LEU C 51 -32.76 19.92 -12.38
CA LEU C 51 -31.58 20.59 -12.94
C LEU C 51 -31.93 21.36 -14.21
N ASN C 52 -32.83 20.83 -15.05
CA ASN C 52 -33.25 21.59 -16.24
C ASN C 52 -34.05 22.84 -15.88
N ALA C 53 -34.81 22.80 -14.79
CA ALA C 53 -35.53 23.99 -14.37
C ALA C 53 -34.57 25.08 -13.90
N ARG C 54 -33.45 24.69 -13.28
CA ARG C 54 -32.44 25.66 -12.86
C ARG C 54 -31.65 26.18 -14.06
N ARG C 55 -31.30 25.30 -15.00
CA ARG C 55 -30.61 25.73 -16.21
C ARG C 55 -31.16 24.93 -17.39
N PRO C 56 -31.85 25.58 -18.33
CA PRO C 56 -32.47 24.83 -19.43
C PRO C 56 -31.45 24.00 -20.21
N ASN C 57 -31.89 22.81 -20.62
CA ASN C 57 -31.06 21.87 -21.40
C ASN C 57 -29.74 21.55 -20.73
N SER C 58 -29.78 21.36 -19.41
CA SER C 58 -28.58 20.99 -18.67
C SER C 58 -28.62 19.57 -18.14
N ALA C 59 -29.64 18.78 -18.47
CA ALA C 59 -29.68 17.39 -18.02
C ALA C 59 -30.50 16.54 -18.97
N ILE C 60 -30.06 15.28 -19.14
CA ILE C 60 -30.83 14.26 -19.84
C ILE C 60 -30.71 12.97 -19.05
N THR C 61 -31.56 11.99 -19.39
CA THR C 61 -31.49 10.69 -18.71
C THR C 61 -31.46 9.58 -19.75
N VAL C 62 -30.72 8.52 -19.43
CA VAL C 62 -30.57 7.35 -20.31
C VAL C 62 -30.56 6.08 -19.46
N GLN C 63 -31.28 5.05 -19.90
CA GLN C 63 -31.43 3.80 -19.16
C GLN C 63 -30.49 2.73 -19.70
N ALA C 64 -29.86 1.98 -18.79
CA ALA C 64 -29.07 0.82 -19.21
C ALA C 64 -28.85 -0.11 -18.02
N ASP C 65 -29.01 -1.41 -18.28
CA ASP C 65 -28.51 -2.45 -17.41
C ASP C 65 -27.02 -2.61 -17.68
N LEU C 66 -26.20 -2.34 -16.68
CA LEU C 66 -24.76 -2.45 -16.80
C LEU C 66 -24.24 -3.82 -16.35
N SER C 67 -25.14 -4.77 -16.12
CA SER C 67 -24.75 -6.16 -15.92
C SER C 67 -24.05 -6.67 -17.17
N ASN C 68 -23.14 -7.63 -16.97
CA ASN C 68 -22.43 -8.25 -18.10
C ASN C 68 -23.33 -9.31 -18.72
N VAL C 69 -24.43 -8.85 -19.33
CA VAL C 69 -25.40 -9.73 -19.96
C VAL C 69 -25.91 -9.07 -21.24
N ALA C 70 -26.43 -9.90 -22.13
CA ALA C 70 -27.09 -9.37 -23.31
C ALA C 70 -28.53 -8.99 -22.98
N THR C 71 -29.01 -7.97 -23.67
CA THR C 71 -30.39 -7.52 -23.56
C THR C 71 -31.06 -7.63 -24.93
N ALA C 72 -32.38 -7.61 -24.92
CA ALA C 72 -33.05 -7.73 -26.20
C ALA C 72 -33.28 -6.35 -26.81
N PRO C 73 -33.41 -6.28 -28.16
CA PRO C 73 -33.76 -5.04 -28.86
C PRO C 73 -35.12 -4.47 -28.43
N ALA C 81 -31.04 -9.33 -33.00
CA ALA C 81 -29.71 -9.58 -32.46
C ALA C 81 -29.57 -9.05 -31.03
N PRO C 82 -29.16 -9.91 -30.10
CA PRO C 82 -29.01 -9.48 -28.71
C PRO C 82 -27.96 -8.39 -28.57
N VAL C 83 -28.23 -7.43 -27.68
CA VAL C 83 -27.36 -6.29 -27.46
C VAL C 83 -26.46 -6.60 -26.29
N THR C 84 -25.16 -6.48 -26.50
CA THR C 84 -24.19 -6.80 -25.47
C THR C 84 -23.93 -5.59 -24.57
N LEU C 85 -23.34 -5.86 -23.41
CA LEU C 85 -22.99 -4.78 -22.49
C LEU C 85 -22.09 -3.76 -23.17
N PHE C 86 -21.14 -4.24 -23.98
CA PHE C 86 -20.25 -3.35 -24.72
C PHE C 86 -21.05 -2.31 -25.50
N THR C 87 -22.07 -2.77 -26.24
CA THR C 87 -22.84 -1.86 -27.07
C THR C 87 -23.61 -0.86 -26.24
N ARG C 88 -24.24 -1.30 -25.14
CA ARG C 88 -24.99 -0.37 -24.30
C ARG C 88 -24.07 0.69 -23.73
N CYS C 89 -22.85 0.31 -23.37
CA CYS C 89 -21.90 1.28 -22.84
C CYS C 89 -21.53 2.31 -23.90
N ALA C 90 -21.18 1.85 -25.10
CA ALA C 90 -20.90 2.76 -26.20
C ALA C 90 -22.04 3.73 -26.42
N GLU C 91 -23.28 3.25 -26.27
CA GLU C 91 -24.45 4.09 -26.52
C GLU C 91 -24.66 5.12 -25.42
N LEU C 92 -24.17 4.87 -24.19
CA LEU C 92 -24.27 5.90 -23.16
C LEU C 92 -23.35 7.07 -23.49
N VAL C 93 -22.12 6.79 -23.88
CA VAL C 93 -21.21 7.87 -24.25
C VAL C 93 -21.72 8.57 -25.51
N ALA C 94 -22.20 7.79 -26.48
CA ALA C 94 -22.75 8.40 -27.70
C ALA C 94 -23.91 9.35 -27.38
N ALA C 95 -24.71 9.03 -26.35
CA ALA C 95 -25.85 9.89 -26.02
C ALA C 95 -25.41 11.31 -25.67
N CYS C 96 -24.24 11.43 -25.05
CA CYS C 96 -23.71 12.76 -24.71
C CYS C 96 -23.26 13.50 -25.96
N TYR C 97 -22.62 12.80 -26.89
CA TYR C 97 -22.13 13.46 -28.10
C TYR C 97 -23.28 13.84 -29.00
N THR C 98 -24.29 12.97 -29.09
CA THR C 98 -25.47 13.26 -29.90
C THR C 98 -26.16 14.52 -29.39
N HIS C 99 -26.39 14.61 -28.08
CA HIS C 99 -27.22 15.68 -27.54
C HIS C 99 -26.45 17.00 -27.39
N TRP C 100 -25.21 16.94 -26.91
CA TRP C 100 -24.44 18.12 -26.58
C TRP C 100 -23.10 18.21 -27.32
N GLY C 101 -22.75 17.22 -28.13
CA GLY C 101 -21.54 17.31 -28.92
C GLY C 101 -20.25 17.07 -28.17
N ARG C 102 -20.30 16.66 -26.92
CA ARG C 102 -19.07 16.44 -26.16
C ARG C 102 -19.35 15.55 -24.96
N CYS C 103 -18.27 15.07 -24.35
CA CYS C 103 -18.35 14.34 -23.08
C CYS C 103 -16.98 14.49 -22.40
N ASP C 104 -16.92 15.36 -21.41
CA ASP C 104 -15.66 15.75 -20.79
C ASP C 104 -15.36 14.98 -19.55
N VAL C 105 -16.38 14.53 -18.84
CA VAL C 105 -16.26 13.84 -17.57
C VAL C 105 -17.07 12.55 -17.63
N LEU C 106 -16.51 11.48 -17.09
CA LEU C 106 -17.23 10.24 -16.89
C LEU C 106 -17.05 9.85 -15.43
N VAL C 107 -18.15 9.64 -14.71
CA VAL C 107 -18.11 9.15 -13.34
C VAL C 107 -18.71 7.76 -13.31
N ASN C 108 -17.87 6.76 -13.06
CA ASN C 108 -18.29 5.38 -12.94
C ASN C 108 -18.75 5.13 -11.51
N ASN C 109 -20.03 5.37 -11.25
CA ASN C 109 -20.61 5.32 -9.92
C ASN C 109 -21.58 4.15 -9.72
N ALA C 110 -22.33 3.78 -10.76
CA ALA C 110 -23.31 2.71 -10.64
C ALA C 110 -22.66 1.43 -10.12
N SER C 111 -23.33 0.78 -9.18
CA SER C 111 -22.71 -0.35 -8.49
C SER C 111 -23.78 -1.15 -7.78
N SER C 112 -23.83 -2.44 -8.07
CA SER C 112 -24.62 -3.35 -7.26
C SER C 112 -23.77 -3.85 -6.07
N PHE C 113 -24.45 -4.21 -4.99
CA PHE C 113 -23.76 -4.42 -3.70
C PHE C 113 -24.62 -5.33 -2.83
N TYR C 114 -24.28 -6.62 -2.78
CA TYR C 114 -24.99 -7.58 -1.95
C TYR C 114 -24.10 -8.79 -1.71
N PRO C 115 -24.40 -9.61 -0.70
CA PRO C 115 -23.48 -10.71 -0.34
C PRO C 115 -23.39 -11.79 -1.41
N THR C 116 -22.20 -12.38 -1.48
CA THR C 116 -21.93 -13.60 -2.25
C THR C 116 -21.08 -14.48 -1.35
N PRO C 117 -21.70 -15.11 -0.35
CA PRO C 117 -20.90 -15.86 0.65
C PRO C 117 -20.17 -17.04 0.03
N LEU C 118 -18.98 -17.30 0.54
CA LEU C 118 -18.25 -18.49 0.14
C LEU C 118 -18.72 -19.72 0.92
N LEU C 119 -19.35 -19.54 2.08
CA LEU C 119 -19.72 -20.63 2.97
C LEU C 119 -21.20 -20.57 3.33
N ARG C 120 -21.67 -21.64 3.95
CA ARG C 120 -23.05 -21.77 4.43
C ARG C 120 -24.09 -21.37 3.39
N ALA C 135 -28.23 -18.42 -10.30
CA ALA C 135 -28.41 -17.46 -9.21
C ALA C 135 -27.08 -16.80 -8.86
N MET C 136 -26.02 -17.61 -8.79
CA MET C 136 -24.68 -17.06 -8.61
C MET C 136 -24.09 -16.57 -9.93
N GLU C 137 -24.51 -17.15 -11.06
CA GLU C 137 -24.11 -16.63 -12.35
C GLU C 137 -24.70 -15.25 -12.60
N THR C 138 -25.93 -15.03 -12.12
CA THR C 138 -26.55 -13.70 -12.19
C THR C 138 -25.79 -12.69 -11.33
N ALA C 139 -25.45 -13.06 -10.10
CA ALA C 139 -24.72 -12.15 -9.22
C ALA C 139 -23.35 -11.81 -9.79
N THR C 140 -22.65 -12.81 -10.32
CA THR C 140 -21.35 -12.57 -10.96
C THR C 140 -21.48 -11.55 -12.08
N ALA C 141 -22.44 -11.74 -12.99
CA ALA C 141 -22.59 -10.82 -14.11
C ALA C 141 -23.02 -9.43 -13.65
N ASP C 142 -23.89 -9.37 -12.65
CA ASP C 142 -24.39 -8.08 -12.19
C ASP C 142 -23.34 -7.30 -11.39
N LEU C 143 -22.72 -7.96 -10.40
CA LEU C 143 -21.73 -7.27 -9.56
C LEU C 143 -20.45 -6.97 -10.34
N PHE C 144 -19.98 -7.90 -11.15
CA PHE C 144 -18.77 -7.63 -11.91
C PHE C 144 -19.03 -6.71 -13.10
N GLY C 145 -20.21 -6.77 -13.69
CA GLY C 145 -20.56 -5.90 -14.79
C GLY C 145 -20.63 -4.44 -14.39
N SER C 146 -21.51 -4.12 -13.44
CA SER C 146 -21.67 -2.73 -13.05
C SER C 146 -20.39 -2.16 -12.49
N ASN C 147 -19.68 -2.93 -11.65
CA ASN C 147 -18.56 -2.41 -10.89
C ASN C 147 -17.23 -2.41 -11.63
N ALA C 148 -17.10 -3.21 -12.69
CA ALA C 148 -15.79 -3.37 -13.30
C ALA C 148 -15.84 -3.44 -14.82
N ILE C 149 -16.62 -4.36 -15.37
CA ILE C 149 -16.56 -4.53 -16.83
C ILE C 149 -17.23 -3.36 -17.54
N ALA C 150 -18.37 -2.89 -17.05
CA ALA C 150 -19.00 -1.72 -17.66
C ALA C 150 -18.12 -0.48 -17.55
N PRO C 151 -17.54 -0.14 -16.39
CA PRO C 151 -16.54 0.95 -16.39
C PRO C 151 -15.44 0.76 -17.42
N TYR C 152 -14.93 -0.46 -17.59
CA TYR C 152 -13.94 -0.70 -18.62
C TYR C 152 -14.48 -0.31 -20.00
N PHE C 153 -15.68 -0.80 -20.34
CA PHE C 153 -16.26 -0.50 -21.65
C PHE C 153 -16.56 1.01 -21.80
N LEU C 154 -17.09 1.63 -20.75
CA LEU C 154 -17.37 3.08 -20.82
C LEU C 154 -16.09 3.91 -21.00
N ILE C 155 -15.01 3.53 -20.32
CA ILE C 155 -13.76 4.26 -20.45
C ILE C 155 -13.22 4.11 -21.88
N LYS C 156 -13.30 2.90 -22.43
CA LYS C 156 -12.85 2.68 -23.80
C LYS C 156 -13.66 3.51 -24.78
N ALA C 157 -14.98 3.55 -24.60
CA ALA C 157 -15.81 4.34 -25.50
C ALA C 157 -15.52 5.83 -25.34
N PHE C 158 -15.41 6.30 -24.09
CA PHE C 158 -15.07 7.69 -23.78
C PHE C 158 -13.74 8.08 -24.44
N ALA C 159 -12.73 7.23 -24.29
CA ALA C 159 -11.40 7.50 -24.86
C ALA C 159 -11.43 7.49 -26.39
N HIS C 160 -12.12 6.52 -27.00
CA HIS C 160 -12.23 6.50 -28.45
C HIS C 160 -12.78 7.84 -28.98
N ARG C 161 -13.82 8.37 -28.32
CA ARG C 161 -14.43 9.61 -28.78
C ARG C 161 -13.47 10.80 -28.68
N VAL C 162 -12.65 10.85 -27.62
CA VAL C 162 -11.65 11.93 -27.55
C VAL C 162 -10.61 11.77 -28.66
N ALA C 163 -10.06 10.57 -28.81
CA ALA C 163 -9.07 10.34 -29.86
C ALA C 163 -9.64 10.67 -31.24
N GLY C 164 -10.93 10.38 -31.44
CA GLY C 164 -11.57 10.65 -32.71
C GLY C 164 -11.93 12.10 -32.95
N THR C 165 -11.76 12.93 -31.94
CA THR C 165 -12.01 14.37 -32.02
C THR C 165 -10.74 15.08 -32.47
N PRO C 166 -10.82 15.92 -33.51
CA PRO C 166 -9.65 16.70 -33.91
C PRO C 166 -9.05 17.46 -32.74
N ALA C 167 -7.72 17.45 -32.66
CA ALA C 167 -7.01 18.00 -31.50
C ALA C 167 -7.47 19.41 -31.17
N LYS C 168 -7.64 20.25 -32.18
CA LYS C 168 -8.04 21.64 -31.94
C LYS C 168 -9.43 21.73 -31.30
N HIS C 169 -10.26 20.72 -31.46
CA HIS C 169 -11.63 20.72 -30.98
C HIS C 169 -11.82 19.93 -29.68
N ARG C 170 -10.78 19.32 -29.13
CA ARG C 170 -10.92 18.61 -27.87
C ARG C 170 -11.13 19.61 -26.73
N GLY C 171 -11.77 19.13 -25.67
CA GLY C 171 -11.87 19.91 -24.45
C GLY C 171 -10.51 19.98 -23.76
N THR C 172 -10.46 20.77 -22.69
CA THR C 172 -9.21 21.05 -22.02
C THR C 172 -9.13 20.43 -20.63
N ASN C 173 -10.08 19.56 -20.28
CA ASN C 173 -10.14 19.09 -18.90
C ASN C 173 -10.94 17.79 -18.84
N TYR C 174 -10.42 16.73 -19.47
CA TYR C 174 -11.05 15.42 -19.43
C TYR C 174 -10.69 14.70 -18.14
N SER C 175 -11.72 14.24 -17.41
CA SER C 175 -11.53 13.57 -16.13
C SER C 175 -12.44 12.35 -16.06
N ILE C 176 -11.90 11.22 -15.61
CA ILE C 176 -12.70 10.02 -15.35
C ILE C 176 -12.56 9.67 -13.88
N ILE C 177 -13.70 9.47 -13.20
CA ILE C 177 -13.71 9.14 -11.78
C ILE C 177 -14.37 7.79 -11.58
N ASN C 178 -13.62 6.86 -10.99
CA ASN C 178 -14.15 5.55 -10.61
C ASN C 178 -14.45 5.56 -9.12
N MET C 179 -15.69 5.26 -8.75
CA MET C 179 -16.02 5.19 -7.34
C MET C 179 -15.57 3.83 -6.83
N VAL C 180 -14.57 3.83 -5.95
CA VAL C 180 -14.03 2.60 -5.39
C VAL C 180 -14.45 2.46 -3.93
N ASP C 181 -13.64 1.77 -3.12
CA ASP C 181 -14.00 1.49 -1.74
C ASP C 181 -12.79 1.74 -0.85
N ALA C 182 -12.93 2.66 0.12
CA ALA C 182 -11.81 2.91 1.04
C ALA C 182 -11.40 1.65 1.79
N MET C 183 -12.35 0.75 2.06
CA MET C 183 -12.11 -0.41 2.91
C MET C 183 -11.69 -1.65 2.12
N THR C 184 -11.05 -1.46 0.95
CA THR C 184 -10.74 -2.59 0.07
C THR C 184 -9.74 -3.56 0.71
N ASN C 185 -8.75 -3.04 1.46
CA ASN C 185 -7.79 -3.93 2.12
C ASN C 185 -8.39 -4.69 3.29
N GLN C 186 -9.62 -4.36 3.66
CA GLN C 186 -10.28 -4.85 4.86
C GLN C 186 -11.65 -5.40 4.47
N PRO C 187 -11.68 -6.56 3.82
CA PRO C 187 -12.92 -6.99 3.14
C PRO C 187 -14.13 -7.09 4.08
N LEU C 188 -15.29 -6.76 3.53
CA LEU C 188 -16.53 -6.99 4.26
C LEU C 188 -16.90 -8.47 4.17
N LEU C 189 -17.09 -9.11 5.33
CA LEU C 189 -17.35 -10.55 5.37
C LEU C 189 -18.53 -10.93 4.49
N GLY C 190 -18.27 -11.81 3.53
CA GLY C 190 -19.30 -12.39 2.71
C GLY C 190 -19.58 -11.68 1.41
N TYR C 191 -18.76 -10.70 1.03
CA TYR C 191 -18.99 -9.87 -0.15
C TYR C 191 -17.91 -10.09 -1.22
N THR C 192 -17.50 -11.33 -1.44
CA THR C 192 -16.28 -11.59 -2.20
C THR C 192 -16.35 -11.02 -3.61
N ILE C 193 -17.46 -11.24 -4.34
CA ILE C 193 -17.55 -10.76 -5.71
C ILE C 193 -17.48 -9.23 -5.76
N TYR C 194 -18.25 -8.56 -4.90
CA TYR C 194 -18.14 -7.09 -4.82
C TYR C 194 -16.71 -6.65 -4.52
N THR C 195 -16.09 -7.24 -3.50
CA THR C 195 -14.71 -6.87 -3.17
C THR C 195 -13.76 -7.11 -4.34
N MET C 196 -13.90 -8.25 -5.04
CA MET C 196 -13.10 -8.48 -6.24
C MET C 196 -13.36 -7.41 -7.28
N ALA C 197 -14.61 -7.05 -7.49
CA ALA C 197 -14.93 -6.11 -8.56
C ALA C 197 -14.34 -4.74 -8.27
N LYS C 198 -14.36 -4.29 -7.01
CA LYS C 198 -13.74 -3.00 -6.68
C LYS C 198 -12.24 -3.05 -6.85
N GLY C 199 -11.60 -4.20 -6.60
CA GLY C 199 -10.17 -4.30 -6.86
C GLY C 199 -9.85 -4.25 -8.34
N ALA C 200 -10.72 -4.83 -9.17
CA ALA C 200 -10.58 -4.69 -10.62
C ALA C 200 -10.72 -3.24 -11.03
N LEU C 201 -11.66 -2.53 -10.41
CA LEU C 201 -11.88 -1.13 -10.72
C LEU C 201 -10.67 -0.28 -10.33
N GLU C 202 -10.02 -0.58 -9.21
CA GLU C 202 -8.79 0.15 -8.89
C GLU C 202 -7.70 -0.16 -9.91
N GLY C 203 -7.63 -1.42 -10.36
CA GLY C 203 -6.71 -1.76 -11.44
C GLY C 203 -7.01 -1.00 -12.72
N LEU C 204 -8.28 -0.85 -13.07
CA LEU C 204 -8.67 -0.07 -14.24
C LEU C 204 -8.26 1.39 -14.10
N THR C 205 -8.41 1.93 -12.88
CA THR C 205 -8.00 3.31 -12.64
C THR C 205 -6.53 3.51 -12.98
N ARG C 206 -5.65 2.62 -12.47
CA ARG C 206 -4.22 2.79 -12.71
CA ARG C 206 -4.22 2.77 -12.70
C ARG C 206 -3.87 2.53 -14.16
N SER C 207 -4.45 1.49 -14.76
CA SER C 207 -4.12 1.14 -16.14
C SER C 207 -4.62 2.21 -17.10
N ALA C 208 -5.85 2.67 -16.91
CA ALA C 208 -6.39 3.69 -17.80
C ALA C 208 -5.67 5.02 -17.63
N ALA C 209 -5.24 5.34 -16.42
CA ALA C 209 -4.52 6.60 -16.21
C ALA C 209 -3.19 6.60 -16.95
N LEU C 210 -2.47 5.47 -16.91
CA LEU C 210 -1.21 5.42 -17.63
C LEU C 210 -1.42 5.51 -19.15
N GLU C 211 -2.40 4.77 -19.66
CA GLU C 211 -2.56 4.62 -21.10
C GLU C 211 -3.26 5.82 -21.74
N LEU C 212 -4.11 6.53 -21.01
CA LEU C 212 -4.81 7.69 -21.54
C LEU C 212 -4.11 9.01 -21.25
N ALA C 213 -3.03 8.98 -20.46
CA ALA C 213 -2.25 10.20 -20.22
C ALA C 213 -1.86 10.95 -21.49
N PRO C 214 -1.46 10.31 -22.60
CA PRO C 214 -1.12 11.11 -23.79
C PRO C 214 -2.29 11.93 -24.33
N LEU C 215 -3.53 11.47 -24.18
CA LEU C 215 -4.70 12.28 -24.52
C LEU C 215 -5.10 13.25 -23.42
N GLN C 216 -4.29 13.37 -22.37
CA GLN C 216 -4.57 14.28 -21.24
C GLN C 216 -5.91 13.96 -20.56
N ILE C 217 -6.31 12.69 -20.57
CA ILE C 217 -7.49 12.21 -19.87
C ILE C 217 -7.04 11.70 -18.51
N ARG C 218 -7.45 12.38 -17.43
CA ARG C 218 -7.06 11.93 -16.10
C ARG C 218 -8.03 10.87 -15.61
N VAL C 219 -7.53 9.92 -14.82
CA VAL C 219 -8.34 8.81 -14.32
C VAL C 219 -8.00 8.60 -12.86
N ASN C 220 -8.99 8.77 -11.99
CA ASN C 220 -8.77 8.72 -10.56
C ASN C 220 -9.92 7.96 -9.90
N GLY C 221 -9.69 7.59 -8.65
CA GLY C 221 -10.70 6.93 -7.85
C GLY C 221 -11.06 7.78 -6.65
N VAL C 222 -12.29 7.62 -6.17
CA VAL C 222 -12.73 8.15 -4.89
C VAL C 222 -13.34 6.99 -4.14
N GLY C 223 -12.83 6.72 -2.93
CA GLY C 223 -13.30 5.60 -2.15
C GLY C 223 -13.95 6.01 -0.85
N PRO C 224 -15.28 5.91 -0.78
CA PRO C 224 -15.95 6.11 0.50
C PRO C 224 -15.72 4.93 1.44
N GLY C 225 -15.97 5.21 2.72
CA GLY C 225 -15.96 4.20 3.75
C GLY C 225 -17.40 3.78 3.99
N LEU C 226 -18.04 4.39 4.98
CA LEU C 226 -19.48 4.29 5.16
C LEU C 226 -20.09 5.65 4.81
N SER C 227 -21.03 5.65 3.87
CA SER C 227 -21.69 6.86 3.38
C SER C 227 -23.17 6.61 3.24
N VAL C 228 -23.98 7.56 3.71
CA VAL C 228 -25.44 7.59 3.65
C VAL C 228 -26.07 6.23 3.90
N LEU C 229 -25.78 5.65 5.07
CA LEU C 229 -26.32 4.32 5.39
C LEU C 229 -27.83 4.36 5.54
N VAL C 230 -28.48 3.27 5.14
CA VAL C 230 -29.94 3.18 5.19
C VAL C 230 -30.41 2.96 6.62
N GLY C 240 -24.61 2.07 15.76
CA GLY C 240 -24.02 0.75 15.58
C GLY C 240 -22.65 0.80 14.91
N HIS C 241 -22.61 0.44 13.62
CA HIS C 241 -21.37 0.55 12.86
C HIS C 241 -20.93 2.00 12.68
N ARG C 242 -21.88 2.94 12.73
CA ARG C 242 -21.55 4.37 12.69
C ARG C 242 -20.51 4.74 13.73
N SER C 243 -20.71 4.26 14.96
CA SER C 243 -19.89 4.67 16.10
C SER C 243 -18.42 4.32 15.91
N LYS C 244 -18.10 3.40 15.02
CA LYS C 244 -16.72 2.96 14.81
C LYS C 244 -15.90 3.90 13.94
N VAL C 245 -16.52 4.86 13.27
CA VAL C 245 -15.77 5.79 12.41
C VAL C 245 -15.02 6.80 13.28
N PRO C 246 -13.69 6.84 13.23
CA PRO C 246 -12.96 7.73 14.14
C PRO C 246 -13.42 9.17 14.04
N LEU C 247 -13.53 9.72 12.82
CA LEU C 247 -13.92 11.12 12.64
C LEU C 247 -15.44 11.20 12.68
N TYR C 248 -15.95 11.87 13.72
CA TYR C 248 -17.34 12.28 13.93
C TYR C 248 -18.23 11.13 14.40
N GLN C 249 -17.77 9.87 14.32
CA GLN C 249 -18.53 8.71 14.74
C GLN C 249 -19.83 8.60 13.97
N ARG C 250 -19.75 8.81 12.65
CA ARG C 250 -20.92 8.70 11.80
C ARG C 250 -20.49 8.36 10.38
N ASP C 251 -21.43 7.81 9.61
CA ASP C 251 -21.23 7.72 8.18
C ASP C 251 -21.23 9.11 7.57
N SER C 252 -20.73 9.21 6.35
CA SER C 252 -20.65 10.50 5.69
C SER C 252 -21.98 10.87 5.06
N SER C 253 -22.14 12.16 4.80
CA SER C 253 -23.18 12.64 3.94
C SER C 253 -22.78 12.40 2.48
N ALA C 254 -23.77 12.55 1.58
CA ALA C 254 -23.47 12.40 0.16
C ALA C 254 -22.51 13.48 -0.32
N ALA C 255 -22.68 14.73 0.14
CA ALA C 255 -21.82 15.82 -0.32
C ALA C 255 -20.41 15.66 0.19
N GLU C 256 -20.23 15.06 1.37
CA GLU C 256 -18.87 14.82 1.84
C GLU C 256 -18.08 13.94 0.88
N VAL C 257 -18.74 13.12 0.08
CA VAL C 257 -18.07 12.37 -0.99
C VAL C 257 -18.06 13.13 -2.29
N SER C 258 -19.23 13.59 -2.74
CA SER C 258 -19.33 14.21 -4.07
C SER C 258 -18.47 15.46 -4.19
N ASP C 259 -18.33 16.25 -3.11
CA ASP C 259 -17.43 17.40 -3.19
C ASP C 259 -16.00 16.99 -3.59
N VAL C 260 -15.56 15.80 -3.20
CA VAL C 260 -14.20 15.36 -3.53
C VAL C 260 -14.12 14.98 -5.01
N VAL C 261 -15.12 14.24 -5.49
CA VAL C 261 -15.26 13.96 -6.92
C VAL C 261 -15.19 15.26 -7.70
N ILE C 262 -15.92 16.27 -7.22
CA ILE C 262 -16.02 17.52 -7.97
C ILE C 262 -14.67 18.22 -8.00
N PHE C 263 -13.93 18.22 -6.88
CA PHE C 263 -12.60 18.83 -6.91
C PHE C 263 -11.68 18.10 -7.88
N LEU C 264 -11.73 16.75 -7.90
CA LEU C 264 -10.84 15.99 -8.77
C LEU C 264 -11.13 16.27 -10.25
N CYS C 265 -12.38 16.58 -10.58
CA CYS C 265 -12.72 16.95 -11.95
C CYS C 265 -12.34 18.38 -12.29
N SER C 266 -12.01 19.21 -11.31
CA SER C 266 -11.70 20.61 -11.53
C SER C 266 -10.31 20.77 -12.14
N SER C 267 -10.12 21.92 -12.80
CA SER C 267 -8.82 22.19 -13.41
C SER C 267 -7.72 22.31 -12.36
N LYS C 268 -8.04 22.63 -11.11
CA LYS C 268 -6.99 22.75 -10.11
C LYS C 268 -6.36 21.41 -9.81
N ALA C 269 -7.04 20.31 -10.12
CA ALA C 269 -6.58 18.95 -9.89
C ALA C 269 -5.91 18.34 -11.11
N LYS C 270 -5.44 19.17 -12.06
CA LYS C 270 -5.02 18.68 -13.37
C LYS C 270 -3.75 17.85 -13.36
N TYR C 271 -2.97 17.85 -12.27
CA TYR C 271 -1.77 17.03 -12.22
C TYR C 271 -2.02 15.71 -11.50
N ILE C 272 -3.25 15.47 -11.06
CA ILE C 272 -3.59 14.23 -10.35
C ILE C 272 -4.12 13.22 -11.36
N THR C 273 -3.49 12.05 -11.43
CA THR C 273 -4.03 10.95 -12.22
C THR C 273 -3.49 9.64 -11.65
N GLY C 274 -4.28 8.58 -11.84
CA GLY C 274 -3.88 7.26 -11.42
C GLY C 274 -3.96 7.04 -9.94
N THR C 275 -4.71 7.87 -9.24
CA THR C 275 -4.72 8.00 -7.79
CA THR C 275 -4.72 7.74 -7.80
C THR C 275 -6.12 7.70 -7.23
N VAL C 277 -8.52 8.47 -3.91
CA VAL C 277 -8.65 9.32 -2.73
C VAL C 277 -9.67 8.73 -1.79
N LYS C 278 -9.22 8.35 -0.58
CA LYS C 278 -10.10 7.82 0.45
C LYS C 278 -10.90 8.94 1.08
N VAL C 279 -12.20 8.72 1.24
CA VAL C 279 -13.05 9.67 1.94
C VAL C 279 -13.85 8.87 2.95
N ASP C 280 -13.23 8.57 4.09
CA ASP C 280 -13.76 7.52 4.96
C ASP C 280 -13.75 7.89 6.43
N GLY C 281 -13.40 9.12 6.79
CA GLY C 281 -13.43 9.48 8.19
C GLY C 281 -12.42 8.74 9.01
N GLY C 282 -11.40 8.15 8.38
CA GLY C 282 -10.43 7.35 9.12
C GLY C 282 -10.85 5.91 9.39
N TYR C 283 -11.95 5.44 8.79
CA TYR C 283 -12.36 4.06 9.07
C TYR C 283 -11.30 3.06 8.61
N SER C 284 -10.62 3.31 7.48
CA SER C 284 -9.59 2.35 7.07
C SER C 284 -8.41 2.28 8.03
N LEU C 285 -8.31 3.18 9.02
CA LEU C 285 -7.24 3.08 10.01
C LEU C 285 -7.56 2.13 11.13
N THR C 286 -8.80 1.68 11.25
CA THR C 286 -9.22 0.89 12.39
C THR C 286 -8.90 -0.59 12.19
N ARG C 287 -8.88 -1.30 13.32
CA ARG C 287 -8.67 -2.74 13.40
C ARG C 287 -9.77 -3.29 14.30
N ALA C 288 -10.00 -4.60 14.25
CA ALA C 288 -10.99 -5.19 15.16
C ALA C 288 -10.48 -5.15 16.61
N THR D 5 -1.17 -40.18 5.88
CA THR D 5 -2.07 -39.58 4.88
C THR D 5 -1.29 -38.73 3.88
N VAL D 6 -1.55 -38.96 2.60
CA VAL D 6 -0.87 -38.24 1.53
C VAL D 6 -1.75 -37.06 1.13
N PRO D 7 -1.30 -35.82 1.28
CA PRO D 7 -2.13 -34.67 0.91
C PRO D 7 -2.14 -34.45 -0.60
N VAL D 8 -3.12 -33.66 -1.05
CA VAL D 8 -3.41 -33.49 -2.47
C VAL D 8 -3.40 -32.01 -2.81
N ALA D 9 -2.79 -31.67 -3.94
CA ALA D 9 -2.74 -30.31 -4.45
C ALA D 9 -3.33 -30.25 -5.86
N LEU D 10 -4.20 -29.28 -6.09
CA LEU D 10 -4.74 -28.99 -7.41
C LEU D 10 -4.04 -27.74 -7.95
N VAL D 11 -3.34 -27.87 -9.07
CA VAL D 11 -2.57 -26.78 -9.65
C VAL D 11 -3.12 -26.52 -11.05
N THR D 12 -3.61 -25.31 -11.29
CA THR D 12 -4.19 -25.03 -12.59
C THR D 12 -3.10 -24.52 -13.54
N GLY D 13 -3.30 -24.81 -14.83
CA GLY D 13 -2.26 -24.53 -15.81
C GLY D 13 -0.94 -25.13 -15.40
N ALA D 14 -0.96 -26.42 -15.06
CA ALA D 14 0.20 -27.11 -14.50
C ALA D 14 1.19 -27.62 -15.53
N ALA D 15 0.93 -27.44 -16.84
CA ALA D 15 1.67 -28.22 -17.84
C ALA D 15 3.06 -27.66 -18.14
N LYS D 16 3.26 -26.36 -17.98
CA LYS D 16 4.45 -25.68 -18.42
C LYS D 16 4.87 -24.65 -17.40
N ARG D 17 6.08 -24.13 -17.58
CA ARG D 17 6.57 -22.89 -16.96
C ARG D 17 6.30 -22.92 -15.46
N LEU D 18 5.73 -21.87 -14.86
CA LEU D 18 5.66 -21.79 -13.40
C LEU D 18 4.77 -22.88 -12.83
N GLY D 19 3.63 -23.14 -13.48
CA GLY D 19 2.71 -24.15 -12.97
C GLY D 19 3.33 -25.53 -12.91
N ARG D 20 4.14 -25.89 -13.91
CA ARG D 20 4.86 -27.16 -13.85
C ARG D 20 5.87 -27.17 -12.69
N SER D 21 6.55 -26.04 -12.46
CA SER D 21 7.50 -25.97 -11.35
C SER D 21 6.80 -26.07 -10.01
N ILE D 22 5.59 -25.49 -9.91
CA ILE D 22 4.80 -25.58 -8.70
C ILE D 22 4.31 -27.01 -8.47
N ALA D 23 3.83 -27.68 -9.52
CA ALA D 23 3.45 -29.07 -9.37
C ALA D 23 4.63 -29.94 -8.97
N GLU D 24 5.77 -29.79 -9.66
CA GLU D 24 6.95 -30.56 -9.29
C GLU D 24 7.38 -30.25 -7.86
N GLY D 25 7.28 -28.99 -7.44
CA GLY D 25 7.73 -28.64 -6.11
C GLY D 25 6.87 -29.25 -5.03
N LEU D 26 5.55 -29.18 -5.19
CA LEU D 26 4.65 -29.82 -4.23
C LEU D 26 4.82 -31.33 -4.26
N HIS D 27 5.03 -31.89 -5.45
CA HIS D 27 5.24 -33.33 -5.54
C HIS D 27 6.50 -33.78 -4.80
N ALA D 28 7.54 -32.94 -4.81
CA ALA D 28 8.76 -33.29 -4.09
C ALA D 28 8.55 -33.24 -2.58
N GLU D 29 7.59 -32.43 -2.11
CA GLU D 29 7.21 -32.37 -0.70
C GLU D 29 6.31 -33.52 -0.29
N GLY D 30 5.89 -34.36 -1.23
CA GLY D 30 5.07 -35.52 -0.93
C GLY D 30 3.61 -35.41 -1.34
N TYR D 31 3.20 -34.31 -1.95
CA TYR D 31 1.82 -34.20 -2.41
C TYR D 31 1.56 -35.10 -3.61
N ALA D 32 0.34 -35.64 -3.67
CA ALA D 32 -0.24 -36.04 -4.94
C ALA D 32 -0.81 -34.81 -5.62
N VAL D 33 -0.66 -34.72 -6.94
CA VAL D 33 -0.97 -33.47 -7.63
C VAL D 33 -1.96 -33.73 -8.75
N CYS D 34 -3.03 -32.93 -8.78
CA CYS D 34 -3.95 -32.89 -9.90
C CYS D 34 -3.47 -31.83 -10.87
N LEU D 35 -3.07 -32.24 -12.07
CA LEU D 35 -2.48 -31.35 -13.08
C LEU D 35 -3.57 -30.88 -14.03
N HIS D 36 -4.08 -29.66 -13.82
CA HIS D 36 -5.05 -29.12 -14.76
C HIS D 36 -4.38 -28.50 -15.98
N TYR D 37 -4.98 -28.69 -17.14
CA TYR D 37 -4.51 -28.05 -18.35
C TYR D 37 -5.71 -27.60 -19.18
N HIS D 38 -5.44 -26.75 -20.15
CA HIS D 38 -6.42 -26.36 -21.15
C HIS D 38 -6.06 -26.97 -22.50
N ARG D 39 -5.02 -26.47 -23.16
CA ARG D 39 -4.63 -26.99 -24.47
C ARG D 39 -3.38 -27.86 -24.44
N SER D 40 -2.61 -27.83 -23.35
CA SER D 40 -1.32 -28.51 -23.30
C SER D 40 -1.47 -29.96 -22.80
N ALA D 41 -2.32 -30.73 -23.51
CA ALA D 41 -2.57 -32.12 -23.11
C ALA D 41 -1.30 -32.95 -23.15
N ALA D 42 -0.57 -32.89 -24.27
CA ALA D 42 0.66 -33.67 -24.38
C ALA D 42 1.62 -33.35 -23.25
N GLU D 43 1.81 -32.05 -22.95
CA GLU D 43 2.74 -31.65 -21.92
C GLU D 43 2.28 -32.10 -20.54
N ALA D 44 0.99 -31.89 -20.24
CA ALA D 44 0.47 -32.31 -18.94
C ALA D 44 0.62 -33.81 -18.74
N ASN D 45 0.27 -34.59 -19.76
CA ASN D 45 0.31 -36.04 -19.61
C ASN D 45 1.74 -36.53 -19.42
N ALA D 46 2.69 -35.90 -20.10
CA ALA D 46 4.10 -36.29 -19.94
C ALA D 46 4.61 -35.94 -18.54
N LEU D 47 4.18 -34.80 -18.00
CA LEU D 47 4.54 -34.47 -16.64
C LEU D 47 3.93 -35.48 -15.66
N SER D 48 2.68 -35.87 -15.89
CA SER D 48 2.03 -36.86 -15.03
C SER D 48 2.74 -38.21 -15.11
N ALA D 49 3.12 -38.64 -16.32
CA ALA D 49 3.84 -39.91 -16.43
C ALA D 49 5.12 -39.88 -15.62
N THR D 50 5.86 -38.77 -15.69
CA THR D 50 7.09 -38.61 -14.91
C THR D 50 6.83 -38.75 -13.43
N LEU D 51 5.81 -38.04 -12.92
CA LEU D 51 5.58 -38.02 -11.47
C LEU D 51 5.04 -39.36 -10.98
N ASN D 52 4.26 -40.05 -11.80
CA ASN D 52 3.76 -41.38 -11.41
C ASN D 52 4.84 -42.45 -11.51
N ALA D 53 5.81 -42.28 -12.41
CA ALA D 53 6.96 -43.17 -12.41
C ALA D 53 7.78 -43.02 -11.12
N ARG D 54 7.77 -41.83 -10.54
CA ARG D 54 8.52 -41.60 -9.29
C ARG D 54 7.77 -42.14 -8.09
N ARG D 55 6.47 -41.89 -8.01
CA ARG D 55 5.61 -42.44 -6.96
C ARG D 55 4.29 -42.86 -7.62
N PRO D 56 3.98 -44.15 -7.67
CA PRO D 56 2.71 -44.56 -8.29
C PRO D 56 1.52 -43.87 -7.66
N ASN D 57 0.54 -43.50 -8.50
CA ASN D 57 -0.73 -42.95 -8.06
C ASN D 57 -0.56 -41.61 -7.38
N SER D 58 0.33 -40.78 -7.92
CA SER D 58 0.62 -39.48 -7.33
C SER D 58 0.34 -38.31 -8.27
N ALA D 59 -0.17 -38.56 -9.48
CA ALA D 59 -0.52 -37.47 -10.38
C ALA D 59 -1.65 -37.90 -11.30
N ILE D 60 -2.54 -36.96 -11.59
CA ILE D 60 -3.56 -37.13 -12.62
C ILE D 60 -3.62 -35.82 -13.38
N THR D 61 -4.24 -35.87 -14.56
CA THR D 61 -4.46 -34.67 -15.36
C THR D 61 -5.95 -34.47 -15.56
N VAL D 62 -6.39 -33.20 -15.56
CA VAL D 62 -7.75 -32.85 -15.91
C VAL D 62 -7.73 -31.63 -16.83
N GLN D 63 -8.61 -31.62 -17.83
CA GLN D 63 -8.68 -30.51 -18.76
C GLN D 63 -9.94 -29.67 -18.48
N ALA D 64 -9.81 -28.35 -18.66
CA ALA D 64 -10.96 -27.47 -18.53
C ALA D 64 -10.61 -26.07 -19.04
N ASP D 65 -11.51 -25.50 -19.83
CA ASP D 65 -11.44 -24.10 -20.21
C ASP D 65 -11.89 -23.26 -19.02
N LEU D 66 -11.03 -22.37 -18.56
CA LEU D 66 -11.34 -21.52 -17.42
C LEU D 66 -11.80 -20.13 -17.85
N SER D 67 -11.95 -19.91 -19.14
CA SER D 67 -12.66 -18.72 -19.60
C SER D 67 -14.08 -18.73 -19.06
N ASN D 68 -14.66 -17.53 -18.91
CA ASN D 68 -16.02 -17.36 -18.42
C ASN D 68 -16.99 -17.51 -19.59
N VAL D 69 -17.21 -18.76 -19.99
CA VAL D 69 -18.03 -19.07 -21.17
C VAL D 69 -18.68 -20.43 -20.97
N ALA D 70 -19.93 -20.55 -21.43
CA ALA D 70 -20.60 -21.84 -21.45
C ALA D 70 -19.92 -22.77 -22.45
N THR D 71 -19.76 -24.02 -22.05
CA THR D 71 -19.11 -25.05 -22.87
C THR D 71 -20.15 -26.04 -23.39
N ALA D 72 -19.71 -26.88 -24.32
CA ALA D 72 -20.58 -27.90 -24.89
C ALA D 72 -20.06 -29.30 -24.58
N PRO D 82 -25.67 -26.67 -22.05
CA PRO D 82 -24.36 -26.02 -21.91
C PRO D 82 -23.75 -26.19 -20.53
N VAL D 83 -22.45 -26.43 -20.47
CA VAL D 83 -21.72 -26.50 -19.21
C VAL D 83 -21.16 -25.11 -18.92
N THR D 84 -21.46 -24.59 -17.73
CA THR D 84 -21.00 -23.27 -17.31
C THR D 84 -19.61 -23.37 -16.66
N LEU D 85 -18.94 -22.23 -16.57
CA LEU D 85 -17.63 -22.18 -15.93
C LEU D 85 -17.69 -22.67 -14.49
N PHE D 86 -18.74 -22.29 -13.76
CA PHE D 86 -18.90 -22.78 -12.40
C PHE D 86 -18.85 -24.29 -12.36
N THR D 87 -19.64 -24.94 -13.22
CA THR D 87 -19.70 -26.40 -13.17
C THR D 87 -18.35 -27.02 -13.52
N ARG D 88 -17.64 -26.46 -14.51
CA ARG D 88 -16.34 -27.03 -14.83
C ARG D 88 -15.36 -26.87 -13.68
N CYS D 89 -15.43 -25.74 -12.97
CA CYS D 89 -14.54 -25.53 -11.82
C CYS D 89 -14.87 -26.49 -10.69
N ALA D 90 -16.17 -26.71 -10.42
CA ALA D 90 -16.58 -27.64 -9.39
C ALA D 90 -16.05 -29.05 -9.66
N GLU D 91 -16.15 -29.49 -10.92
CA GLU D 91 -15.70 -30.83 -11.28
C GLU D 91 -14.19 -30.99 -11.07
N LEU D 92 -13.42 -29.90 -11.25
CA LEU D 92 -11.97 -29.97 -11.04
C LEU D 92 -11.63 -30.33 -9.62
N VAL D 93 -12.28 -29.66 -8.66
CA VAL D 93 -12.11 -30.03 -7.25
C VAL D 93 -12.66 -31.42 -7.01
N ALA D 94 -13.78 -31.76 -7.65
CA ALA D 94 -14.37 -33.08 -7.51
C ALA D 94 -13.42 -34.16 -8.02
N ALA D 95 -12.62 -33.87 -9.04
CA ALA D 95 -11.66 -34.85 -9.53
C ALA D 95 -10.71 -35.30 -8.43
N CYS D 96 -10.23 -34.35 -7.62
CA CYS D 96 -9.33 -34.68 -6.52
C CYS D 96 -10.02 -35.59 -5.50
N TYR D 97 -11.24 -35.25 -5.10
CA TYR D 97 -11.92 -36.05 -4.10
C TYR D 97 -12.32 -37.42 -4.65
N THR D 98 -12.64 -37.51 -5.94
CA THR D 98 -12.94 -38.81 -6.50
C THR D 98 -11.71 -39.70 -6.53
N HIS D 99 -10.56 -39.15 -6.95
CA HIS D 99 -9.36 -39.99 -7.10
C HIS D 99 -8.65 -40.25 -5.77
N TRP D 100 -8.56 -39.24 -4.89
CA TRP D 100 -7.81 -39.36 -3.65
C TRP D 100 -8.62 -39.07 -2.40
N GLY D 101 -9.91 -38.74 -2.52
CA GLY D 101 -10.72 -38.45 -1.34
C GLY D 101 -10.42 -37.16 -0.61
N ARG D 102 -9.57 -36.29 -1.16
CA ARG D 102 -9.25 -35.05 -0.45
C ARG D 102 -8.65 -34.05 -1.44
N CYS D 103 -8.60 -32.79 -1.02
CA CYS D 103 -7.91 -31.74 -1.74
C CYS D 103 -7.41 -30.75 -0.71
N ASP D 104 -6.10 -30.72 -0.48
CA ASP D 104 -5.54 -29.93 0.60
C ASP D 104 -5.01 -28.57 0.15
N VAL D 105 -4.56 -28.46 -1.10
CA VAL D 105 -3.93 -27.26 -1.61
C VAL D 105 -4.53 -26.94 -2.98
N LEU D 106 -4.82 -25.65 -3.20
CA LEU D 106 -5.24 -25.10 -4.48
C LEU D 106 -4.28 -23.99 -4.88
N VAL D 107 -3.66 -24.11 -6.06
CA VAL D 107 -2.85 -23.05 -6.64
C VAL D 107 -3.56 -22.57 -7.88
N ASN D 108 -4.03 -21.31 -7.86
CA ASN D 108 -4.69 -20.69 -8.99
C ASN D 108 -3.59 -20.02 -9.81
N ASN D 109 -3.04 -20.80 -10.74
CA ASN D 109 -1.91 -20.41 -11.57
C ASN D 109 -2.27 -20.14 -13.02
N ALA D 110 -3.28 -20.83 -13.56
CA ALA D 110 -3.64 -20.70 -14.96
C ALA D 110 -4.05 -19.28 -15.31
N SER D 111 -3.57 -18.78 -16.46
CA SER D 111 -3.77 -17.37 -16.71
C SER D 111 -3.43 -16.97 -18.14
N SER D 112 -4.42 -16.43 -18.87
CA SER D 112 -4.15 -15.79 -20.17
C SER D 112 -3.59 -14.39 -19.98
N PHE D 113 -2.74 -13.97 -20.93
CA PHE D 113 -1.96 -12.75 -20.77
C PHE D 113 -1.67 -12.22 -22.17
N TYR D 114 -2.37 -11.16 -22.55
CA TYR D 114 -2.18 -10.53 -23.85
C TYR D 114 -2.86 -9.17 -23.82
N PRO D 115 -2.49 -8.26 -24.73
CA PRO D 115 -2.99 -6.90 -24.63
C PRO D 115 -4.47 -6.78 -24.93
N THR D 116 -5.10 -5.82 -24.24
CA THR D 116 -6.45 -5.34 -24.54
C THR D 116 -6.35 -3.83 -24.57
N PRO D 117 -5.87 -3.27 -25.68
CA PRO D 117 -5.55 -1.84 -25.71
C PRO D 117 -6.79 -0.97 -25.62
N LEU D 118 -6.65 0.17 -24.94
CA LEU D 118 -7.74 1.14 -24.85
C LEU D 118 -7.77 2.08 -26.06
N LEU D 119 -6.64 2.30 -26.73
CA LEU D 119 -6.60 3.19 -27.88
C LEU D 119 -6.22 2.47 -29.16
N GLU D 134 -16.36 -8.62 -31.11
CA GLU D 134 -16.47 -9.95 -30.51
C GLU D 134 -15.15 -10.38 -29.87
N ALA D 135 -14.04 -9.88 -30.43
CA ALA D 135 -12.73 -10.21 -29.89
C ALA D 135 -12.46 -9.52 -28.56
N MET D 136 -13.15 -8.42 -28.27
CA MET D 136 -13.08 -7.82 -26.94
C MET D 136 -13.95 -8.57 -25.95
N GLU D 137 -15.01 -9.23 -26.43
CA GLU D 137 -15.84 -10.03 -25.53
C GLU D 137 -15.23 -11.40 -25.29
N THR D 138 -14.57 -11.99 -26.29
CA THR D 138 -13.77 -13.18 -26.05
C THR D 138 -12.63 -12.90 -25.08
N ALA D 139 -11.94 -11.76 -25.27
CA ALA D 139 -10.84 -11.42 -24.37
C ALA D 139 -11.33 -11.18 -22.94
N THR D 140 -12.48 -10.52 -22.80
CA THR D 140 -13.03 -10.25 -21.47
C THR D 140 -13.31 -11.55 -20.74
N ALA D 141 -13.97 -12.49 -21.42
CA ALA D 141 -14.32 -13.75 -20.77
C ALA D 141 -13.10 -14.61 -20.51
N ASP D 142 -12.09 -14.55 -21.39
CA ASP D 142 -10.90 -15.38 -21.23
C ASP D 142 -9.98 -14.81 -20.14
N LEU D 143 -9.69 -13.51 -20.22
CA LEU D 143 -8.75 -12.90 -19.29
C LEU D 143 -9.32 -12.82 -17.88
N PHE D 144 -10.59 -12.41 -17.75
CA PHE D 144 -11.24 -12.34 -16.44
C PHE D 144 -11.56 -13.73 -15.89
N GLY D 145 -11.96 -14.66 -16.75
CA GLY D 145 -12.27 -15.99 -16.26
C GLY D 145 -11.06 -16.67 -15.66
N SER D 146 -9.98 -16.77 -16.42
CA SER D 146 -8.81 -17.51 -15.96
C SER D 146 -8.21 -16.84 -14.73
N ASN D 147 -8.07 -15.52 -14.76
CA ASN D 147 -7.34 -14.81 -13.71
C ASN D 147 -8.19 -14.48 -12.49
N ALA D 148 -9.53 -14.50 -12.61
CA ALA D 148 -10.35 -14.00 -11.51
C ALA D 148 -11.60 -14.82 -11.24
N ILE D 149 -12.42 -15.04 -12.25
CA ILE D 149 -13.73 -15.63 -11.99
C ILE D 149 -13.62 -17.14 -11.77
N ALA D 150 -12.77 -17.82 -12.52
CA ALA D 150 -12.56 -19.24 -12.26
C ALA D 150 -11.89 -19.47 -10.90
N PRO D 151 -10.85 -18.70 -10.52
CA PRO D 151 -10.32 -18.86 -9.16
C PRO D 151 -11.37 -18.70 -8.07
N TYR D 152 -12.33 -17.80 -8.25
CA TYR D 152 -13.39 -17.61 -7.26
C TYR D 152 -14.23 -18.86 -7.13
N PHE D 153 -14.69 -19.42 -8.26
CA PHE D 153 -15.48 -20.65 -8.21
C PHE D 153 -14.66 -21.80 -7.67
N LEU D 154 -13.40 -21.90 -8.09
CA LEU D 154 -12.52 -22.95 -7.59
C LEU D 154 -12.36 -22.85 -6.07
N ILE D 155 -12.14 -21.64 -5.56
CA ILE D 155 -12.04 -21.43 -4.11
C ILE D 155 -13.35 -21.80 -3.41
N LYS D 156 -14.49 -21.40 -4.00
CA LYS D 156 -15.78 -21.72 -3.39
C LYS D 156 -16.03 -23.22 -3.38
N ALA D 157 -15.63 -23.92 -4.45
CA ALA D 157 -15.77 -25.37 -4.49
C ALA D 157 -14.86 -26.05 -3.48
N PHE D 158 -13.62 -25.58 -3.38
CA PHE D 158 -12.67 -26.10 -2.40
C PHE D 158 -13.20 -25.90 -0.98
N ALA D 159 -13.74 -24.71 -0.71
CA ALA D 159 -14.28 -24.40 0.61
C ALA D 159 -15.49 -25.28 0.95
N HIS D 160 -16.40 -25.44 -0.01
CA HIS D 160 -17.60 -26.25 0.23
C HIS D 160 -17.24 -27.70 0.56
N ARG D 161 -16.24 -28.27 -0.13
CA ARG D 161 -15.86 -29.66 0.15
C ARG D 161 -15.22 -29.81 1.52
N VAL D 162 -14.45 -28.82 1.95
CA VAL D 162 -13.87 -28.85 3.29
C VAL D 162 -14.98 -28.74 4.34
N ALA D 163 -15.89 -27.78 4.17
CA ALA D 163 -16.98 -27.59 5.11
C ALA D 163 -17.83 -28.84 5.24
N GLY D 164 -18.12 -29.49 4.10
CA GLY D 164 -18.92 -30.71 4.11
C GLY D 164 -18.24 -31.91 4.70
N THR D 165 -16.96 -31.80 5.04
CA THR D 165 -16.22 -32.92 5.60
C THR D 165 -16.29 -32.89 7.12
N PRO D 166 -16.68 -33.99 7.75
CA PRO D 166 -16.68 -34.06 9.22
C PRO D 166 -15.37 -33.60 9.81
N ALA D 167 -15.45 -32.76 10.85
CA ALA D 167 -14.27 -32.05 11.35
C ALA D 167 -13.15 -33.01 11.73
N LYS D 168 -13.49 -34.22 12.19
CA LYS D 168 -12.47 -35.19 12.55
C LYS D 168 -11.74 -35.73 11.32
N HIS D 169 -12.39 -35.73 10.16
CA HIS D 169 -11.78 -36.22 8.93
C HIS D 169 -11.12 -35.13 8.09
N ARG D 170 -11.11 -33.88 8.55
CA ARG D 170 -10.49 -32.80 7.80
C ARG D 170 -8.98 -32.86 7.92
N GLY D 171 -8.30 -32.41 6.86
CA GLY D 171 -6.87 -32.25 6.91
C GLY D 171 -6.48 -31.13 7.86
N THR D 172 -5.16 -31.02 8.08
CA THR D 172 -4.60 -30.15 9.09
C THR D 172 -3.78 -29.00 8.51
N ASN D 173 -3.76 -28.84 7.17
CA ASN D 173 -2.96 -27.78 6.55
C ASN D 173 -3.58 -27.41 5.20
N TYR D 174 -4.73 -26.73 5.24
CA TYR D 174 -5.40 -26.22 4.04
C TYR D 174 -4.79 -24.89 3.59
N SER D 175 -4.56 -24.77 2.29
CA SER D 175 -3.77 -23.64 1.78
C SER D 175 -4.16 -23.38 0.33
N ILE D 176 -4.49 -22.12 0.02
CA ILE D 176 -4.81 -21.66 -1.33
C ILE D 176 -3.80 -20.59 -1.72
N ILE D 177 -3.16 -20.78 -2.86
CA ILE D 177 -2.21 -19.81 -3.40
C ILE D 177 -2.76 -19.30 -4.71
N ASN D 178 -2.87 -17.98 -4.82
CA ASN D 178 -3.26 -17.30 -6.05
C ASN D 178 -2.01 -16.66 -6.64
N MET D 179 -1.75 -16.93 -7.91
CA MET D 179 -0.62 -16.33 -8.58
C MET D 179 -1.02 -14.94 -9.04
N VAL D 180 -0.49 -13.91 -8.38
CA VAL D 180 -0.84 -12.54 -8.73
C VAL D 180 0.32 -11.89 -9.50
N ASP D 181 0.39 -10.56 -9.45
CA ASP D 181 1.39 -9.81 -10.21
C ASP D 181 2.06 -8.80 -9.30
N ALA D 182 3.37 -8.94 -9.12
CA ALA D 182 4.11 -8.01 -8.27
C ALA D 182 4.06 -6.59 -8.81
N MET D 183 3.81 -6.42 -10.10
CA MET D 183 3.84 -5.11 -10.73
C MET D 183 2.45 -4.47 -10.80
N THR D 184 1.54 -4.85 -9.90
CA THR D 184 0.14 -4.45 -10.05
C THR D 184 -0.01 -2.93 -9.99
N ASN D 185 0.77 -2.26 -9.15
CA ASN D 185 0.67 -0.81 -9.04
C ASN D 185 1.34 -0.08 -10.19
N GLN D 186 2.00 -0.79 -11.10
CA GLN D 186 2.77 -0.22 -12.19
C GLN D 186 2.33 -0.89 -13.49
N PRO D 187 1.17 -0.51 -14.01
CA PRO D 187 0.52 -1.32 -15.05
C PRO D 187 1.35 -1.42 -16.32
N LEU D 188 1.35 -2.63 -16.88
CA LEU D 188 1.91 -2.86 -18.20
C LEU D 188 1.02 -2.19 -19.23
N LEU D 189 1.60 -1.24 -19.99
CA LEU D 189 0.83 -0.49 -20.97
C LEU D 189 0.12 -1.41 -21.95
N GLY D 190 -1.18 -1.20 -22.10
CA GLY D 190 -1.99 -1.96 -23.03
C GLY D 190 -2.61 -3.24 -22.49
N TYR D 191 -2.41 -3.57 -21.22
CA TYR D 191 -2.91 -4.83 -20.69
C TYR D 191 -4.03 -4.62 -19.67
N THR D 192 -4.99 -3.75 -19.97
CA THR D 192 -5.92 -3.30 -18.95
C THR D 192 -6.73 -4.44 -18.35
N ILE D 193 -7.33 -5.30 -19.19
CA ILE D 193 -8.17 -6.38 -18.64
C ILE D 193 -7.34 -7.35 -17.81
N TYR D 194 -6.13 -7.67 -18.25
CA TYR D 194 -5.26 -8.53 -17.45
C TYR D 194 -4.97 -7.88 -16.10
N THR D 195 -4.72 -6.58 -16.11
CA THR D 195 -4.39 -5.88 -14.86
C THR D 195 -5.59 -5.81 -13.94
N MET D 196 -6.77 -5.56 -14.51
CA MET D 196 -7.99 -5.57 -13.72
C MET D 196 -8.23 -6.94 -13.11
N ALA D 197 -8.00 -8.00 -13.89
CA ALA D 197 -8.28 -9.33 -13.39
C ALA D 197 -7.34 -9.69 -12.25
N LYS D 198 -6.06 -9.32 -12.36
CA LYS D 198 -5.15 -9.62 -11.26
C LYS D 198 -5.48 -8.75 -10.05
N GLY D 199 -5.99 -7.54 -10.27
CA GLY D 199 -6.46 -6.78 -9.13
C GLY D 199 -7.66 -7.42 -8.44
N ALA D 200 -8.53 -8.06 -9.23
CA ALA D 200 -9.66 -8.77 -8.64
C ALA D 200 -9.18 -10.00 -7.87
N LEU D 201 -8.13 -10.65 -8.36
CA LEU D 201 -7.61 -11.84 -7.71
C LEU D 201 -6.96 -11.51 -6.38
N GLU D 202 -6.35 -10.31 -6.27
CA GLU D 202 -5.86 -9.85 -4.98
C GLU D 202 -7.03 -9.59 -4.03
N GLY D 203 -8.13 -9.04 -4.54
CA GLY D 203 -9.29 -8.86 -3.70
C GLY D 203 -9.87 -10.20 -3.25
N LEU D 204 -9.86 -11.19 -4.14
CA LEU D 204 -10.30 -12.54 -3.76
C LEU D 204 -9.42 -13.12 -2.67
N THR D 205 -8.11 -12.91 -2.80
CA THR D 205 -7.17 -13.39 -1.78
C THR D 205 -7.54 -12.85 -0.40
N ARG D 206 -7.73 -11.53 -0.29
CA ARG D 206 -8.04 -10.94 1.01
C ARG D 206 -9.40 -11.40 1.52
N SER D 207 -10.41 -11.43 0.66
CA SER D 207 -11.77 -11.73 1.11
C SER D 207 -11.90 -13.19 1.51
N ALA D 208 -11.37 -14.10 0.69
CA ALA D 208 -11.43 -15.52 1.05
C ALA D 208 -10.52 -15.85 2.25
N ALA D 209 -9.40 -15.15 2.43
CA ALA D 209 -8.62 -15.38 3.63
C ALA D 209 -9.43 -15.06 4.88
N LEU D 210 -10.18 -13.96 4.83
CA LEU D 210 -11.00 -13.55 5.98
C LEU D 210 -12.11 -14.53 6.23
N GLU D 211 -12.87 -14.88 5.19
CA GLU D 211 -14.08 -15.67 5.34
C GLU D 211 -13.76 -17.14 5.60
N LEU D 212 -12.62 -17.62 5.14
CA LEU D 212 -12.30 -19.04 5.29
C LEU D 212 -11.37 -19.32 6.46
N ALA D 213 -10.89 -18.28 7.14
CA ALA D 213 -10.12 -18.46 8.37
C ALA D 213 -10.79 -19.37 9.41
N PRO D 214 -12.11 -19.30 9.64
CA PRO D 214 -12.69 -20.23 10.63
C PRO D 214 -12.58 -21.70 10.25
N LEU D 215 -12.48 -22.01 8.96
CA LEU D 215 -12.22 -23.38 8.54
C LEU D 215 -10.72 -23.69 8.49
N GLN D 216 -9.87 -22.75 8.90
CA GLN D 216 -8.42 -22.91 8.89
C GLN D 216 -7.88 -23.14 7.49
N ILE D 217 -8.49 -22.51 6.49
CA ILE D 217 -7.97 -22.48 5.14
C ILE D 217 -7.20 -21.17 4.97
N ARG D 218 -5.90 -21.26 4.74
CA ARG D 218 -5.13 -20.06 4.48
C ARG D 218 -5.19 -19.72 2.99
N VAL D 219 -5.20 -18.42 2.71
CA VAL D 219 -5.34 -17.91 1.36
C VAL D 219 -4.31 -16.82 1.13
N ASN D 220 -3.38 -17.04 0.22
CA ASN D 220 -2.30 -16.10 0.00
C ASN D 220 -2.00 -15.98 -1.48
N GLY D 221 -1.24 -14.95 -1.82
CA GLY D 221 -0.82 -14.72 -3.18
C GLY D 221 0.70 -14.73 -3.26
N VAL D 222 1.19 -15.10 -4.44
CA VAL D 222 2.60 -14.96 -4.80
C VAL D 222 2.60 -14.17 -6.10
N GLY D 223 3.38 -13.07 -6.12
CA GLY D 223 3.44 -12.20 -7.27
C GLY D 223 4.82 -12.18 -7.91
N PRO D 224 4.97 -12.89 -9.01
CA PRO D 224 6.20 -12.77 -9.80
C PRO D 224 6.33 -11.38 -10.39
N GLY D 225 7.56 -11.04 -10.73
CA GLY D 225 7.87 -9.84 -11.47
C GLY D 225 8.06 -10.17 -12.93
N LEU D 226 9.30 -10.41 -13.33
CA LEU D 226 9.65 -10.98 -14.62
C LEU D 226 10.20 -12.38 -14.36
N SER D 227 9.52 -13.39 -14.91
CA SER D 227 9.89 -14.78 -14.67
CA SER D 227 9.88 -14.78 -14.66
C SER D 227 9.78 -15.57 -15.96
N VAL D 228 10.79 -16.42 -16.19
CA VAL D 228 10.90 -17.29 -17.37
C VAL D 228 10.40 -16.60 -18.63
N LEU D 229 11.01 -15.46 -18.95
CA LEU D 229 10.60 -14.71 -20.13
C LEU D 229 10.83 -15.54 -21.40
N VAL D 230 9.85 -15.50 -22.29
CA VAL D 230 9.87 -16.31 -23.50
C VAL D 230 10.54 -15.55 -24.64
N GLY D 240 16.94 -6.42 -22.35
CA GLY D 240 15.60 -5.85 -22.45
C GLY D 240 15.13 -5.28 -21.13
N HIS D 241 13.86 -5.55 -20.78
CA HIS D 241 13.39 -5.15 -19.46
C HIS D 241 13.99 -6.00 -18.36
N ARG D 242 14.52 -7.18 -18.69
CA ARG D 242 15.15 -8.01 -17.67
C ARG D 242 16.43 -7.37 -17.13
N SER D 243 17.14 -6.61 -17.95
CA SER D 243 18.31 -5.89 -17.46
C SER D 243 17.93 -4.82 -16.44
N LYS D 244 16.65 -4.46 -16.36
CA LYS D 244 16.20 -3.45 -15.41
C LYS D 244 15.88 -4.03 -14.05
N VAL D 245 15.92 -5.35 -13.89
CA VAL D 245 15.60 -5.95 -12.60
C VAL D 245 16.76 -5.67 -11.65
N PRO D 246 16.51 -5.02 -10.52
CA PRO D 246 17.63 -4.62 -9.65
C PRO D 246 18.50 -5.78 -9.20
N LEU D 247 17.89 -6.88 -8.76
CA LEU D 247 18.61 -8.05 -8.29
C LEU D 247 18.92 -8.96 -9.48
N TYR D 248 20.21 -9.11 -9.77
CA TYR D 248 20.78 -10.03 -10.74
C TYR D 248 20.58 -9.58 -12.19
N GLN D 249 19.76 -8.56 -12.47
CA GLN D 249 19.53 -8.06 -13.83
C GLN D 249 19.05 -9.16 -14.77
N ARG D 250 18.08 -9.92 -14.30
CA ARG D 250 17.54 -11.03 -15.08
C ARG D 250 16.16 -11.37 -14.55
N ASP D 251 15.34 -11.98 -15.41
CA ASP D 251 14.12 -12.59 -14.94
C ASP D 251 14.44 -13.77 -14.02
N SER D 252 13.45 -14.17 -13.24
CA SER D 252 13.63 -15.29 -12.34
C SER D 252 13.52 -16.62 -13.10
N SER D 253 14.09 -17.66 -12.51
CA SER D 253 13.81 -19.02 -12.92
C SER D 253 12.44 -19.44 -12.39
N ALA D 254 11.98 -20.62 -12.81
CA ALA D 254 10.69 -21.13 -12.35
C ALA D 254 10.73 -21.48 -10.86
N ALA D 255 11.83 -22.12 -10.42
CA ALA D 255 11.97 -22.53 -9.03
C ALA D 255 12.06 -21.34 -8.09
N GLU D 256 12.63 -20.23 -8.55
CA GLU D 256 12.72 -19.05 -7.71
C GLU D 256 11.34 -18.52 -7.35
N VAL D 257 10.32 -18.86 -8.12
CA VAL D 257 8.95 -18.52 -7.77
C VAL D 257 8.24 -19.68 -7.09
N SER D 258 8.38 -20.90 -7.65
CA SER D 258 7.63 -22.02 -7.08
C SER D 258 8.13 -22.40 -5.70
N ASP D 259 9.43 -22.23 -5.41
CA ASP D 259 9.92 -22.50 -4.06
C ASP D 259 9.15 -21.69 -3.01
N VAL D 260 8.71 -20.48 -3.37
CA VAL D 260 7.96 -19.64 -2.44
C VAL D 260 6.55 -20.20 -2.24
N VAL D 261 5.89 -20.59 -3.34
CA VAL D 261 4.57 -21.22 -3.24
C VAL D 261 4.60 -22.43 -2.31
N ILE D 262 5.66 -23.23 -2.43
CA ILE D 262 5.78 -24.45 -1.63
C ILE D 262 5.94 -24.09 -0.15
N PHE D 263 6.74 -23.05 0.16
CA PHE D 263 6.89 -22.65 1.54
C PHE D 263 5.57 -22.19 2.14
N LEU D 264 4.81 -21.36 1.41
CA LEU D 264 3.55 -20.85 1.94
C LEU D 264 2.54 -21.97 2.20
N CYS D 265 2.63 -23.06 1.44
CA CYS D 265 1.82 -24.23 1.74
C CYS D 265 2.37 -25.06 2.91
N SER D 266 3.63 -24.89 3.26
CA SER D 266 4.21 -25.66 4.36
C SER D 266 3.58 -25.26 5.69
N SER D 267 3.59 -26.21 6.63
CA SER D 267 3.01 -25.94 7.94
C SER D 267 3.82 -24.92 8.72
N LYS D 268 5.08 -24.68 8.35
CA LYS D 268 5.83 -23.61 8.98
C LYS D 268 5.24 -22.24 8.65
N ALA D 269 4.43 -22.15 7.59
CA ALA D 269 3.80 -20.91 7.19
C ALA D 269 2.38 -20.76 7.71
N LYS D 270 1.99 -21.53 8.73
CA LYS D 270 0.59 -21.68 9.06
C LYS D 270 -0.04 -20.48 9.77
N TYR D 271 0.71 -19.44 10.11
CA TYR D 271 0.11 -18.21 10.60
C TYR D 271 0.02 -17.12 9.52
N ILE D 272 0.46 -17.41 8.29
CA ILE D 272 0.39 -16.46 7.19
C ILE D 272 -0.93 -16.66 6.45
N THR D 273 -1.72 -15.60 6.35
CA THR D 273 -2.93 -15.64 5.52
C THR D 273 -3.35 -14.22 5.12
N GLY D 274 -4.00 -14.12 3.97
CA GLY D 274 -4.41 -12.81 3.51
C GLY D 274 -3.30 -11.97 2.93
N THR D 275 -2.17 -12.57 2.62
CA THR D 275 -0.94 -11.86 2.27
C THR D 275 -0.48 -12.15 0.84
N VAL D 277 2.95 -12.13 -1.47
CA VAL D 277 4.42 -12.09 -1.44
C VAL D 277 5.00 -11.82 -2.84
N LYS D 278 5.63 -10.65 -3.02
CA LYS D 278 6.30 -10.34 -4.27
C LYS D 278 7.57 -11.17 -4.41
N VAL D 279 7.77 -11.74 -5.59
CA VAL D 279 9.00 -12.43 -5.94
C VAL D 279 9.51 -11.80 -7.23
N ASP D 280 10.05 -10.58 -7.12
CA ASP D 280 10.32 -9.80 -8.32
C ASP D 280 11.75 -9.29 -8.39
N GLY D 281 12.63 -9.72 -7.48
CA GLY D 281 14.00 -9.22 -7.47
C GLY D 281 14.06 -7.71 -7.38
N GLY D 282 13.04 -7.12 -6.77
CA GLY D 282 12.99 -5.70 -6.58
C GLY D 282 12.48 -4.89 -7.76
N TYR D 283 11.90 -5.53 -8.79
CA TYR D 283 11.49 -4.78 -9.99
C TYR D 283 10.42 -3.75 -9.68
N SER D 284 9.54 -4.02 -8.72
CA SER D 284 8.50 -3.08 -8.32
C SER D 284 9.06 -1.86 -7.59
N LEU D 285 10.32 -1.90 -7.19
CA LEU D 285 10.98 -0.73 -6.60
C LEU D 285 11.40 0.29 -7.63
N THR D 286 11.32 -0.02 -8.91
CA THR D 286 11.88 0.86 -9.92
C THR D 286 10.86 1.90 -10.37
N ARG D 287 11.37 2.91 -11.06
CA ARG D 287 10.57 3.96 -11.68
C ARG D 287 11.14 4.21 -13.07
N ALA D 288 10.38 4.94 -13.90
CA ALA D 288 10.90 5.24 -15.23
C ALA D 288 12.00 6.30 -15.10
#